data_1KAJ
# 
_entry.id   1KAJ 
# 
_audit_conform.dict_name       mmcif_pdbx.dic 
_audit_conform.dict_version    5.392 
_audit_conform.dict_location   http://mmcif.pdb.org/dictionaries/ascii/mmcif_pdbx.dic 
# 
loop_
_database_2.database_id 
_database_2.database_code 
_database_2.pdbx_database_accession 
_database_2.pdbx_DOI 
PDB   1KAJ         pdb_00001kaj 10.2210/pdb1kaj/pdb 
WWPDB D_1000174385 ?            ?                   
# 
loop_
_pdbx_audit_revision_history.ordinal 
_pdbx_audit_revision_history.data_content_type 
_pdbx_audit_revision_history.major_revision 
_pdbx_audit_revision_history.minor_revision 
_pdbx_audit_revision_history.revision_date 
1 'Structure model' 1 0 1996-07-11 
2 'Structure model' 1 1 2008-03-24 
3 'Structure model' 1 2 2011-07-13 
4 'Structure model' 1 3 2022-02-23 
5 'Structure model' 1 4 2024-05-22 
# 
_pdbx_audit_revision_details.ordinal             1 
_pdbx_audit_revision_details.revision_ordinal    1 
_pdbx_audit_revision_details.data_content_type   'Structure model' 
_pdbx_audit_revision_details.provider            repository 
_pdbx_audit_revision_details.type                'Initial release' 
_pdbx_audit_revision_details.description         ? 
_pdbx_audit_revision_details.details             ? 
# 
loop_
_pdbx_audit_revision_group.ordinal 
_pdbx_audit_revision_group.revision_ordinal 
_pdbx_audit_revision_group.data_content_type 
_pdbx_audit_revision_group.group 
1 2 'Structure model' 'Version format compliance' 
2 3 'Structure model' 'Version format compliance' 
3 4 'Structure model' 'Database references'       
4 4 'Structure model' 'Derived calculations'      
5 4 'Structure model' Other                       
6 5 'Structure model' 'Data collection'           
# 
loop_
_pdbx_audit_revision_category.ordinal 
_pdbx_audit_revision_category.revision_ordinal 
_pdbx_audit_revision_category.data_content_type 
_pdbx_audit_revision_category.category 
1 4 'Structure model' database_2            
2 4 'Structure model' pdbx_database_status  
3 4 'Structure model' pdbx_struct_assembly  
4 4 'Structure model' pdbx_struct_oper_list 
5 5 'Structure model' chem_comp_atom        
6 5 'Structure model' chem_comp_bond        
# 
loop_
_pdbx_audit_revision_item.ordinal 
_pdbx_audit_revision_item.revision_ordinal 
_pdbx_audit_revision_item.data_content_type 
_pdbx_audit_revision_item.item 
1 4 'Structure model' '_database_2.pdbx_DOI'                
2 4 'Structure model' '_database_2.pdbx_database_accession' 
3 4 'Structure model' '_pdbx_database_status.process_site'  
# 
_pdbx_database_status.status_code                     REL 
_pdbx_database_status.entry_id                        1KAJ 
_pdbx_database_status.recvd_initial_deposition_date   1996-02-21 
_pdbx_database_status.deposit_site                    ? 
_pdbx_database_status.process_site                    BNL 
_pdbx_database_status.status_code_sf                  ? 
_pdbx_database_status.status_code_mr                  REL 
_pdbx_database_status.SG_entry                        ? 
_pdbx_database_status.pdb_format_compatible           Y 
_pdbx_database_status.status_code_cs                  ? 
_pdbx_database_status.status_code_nmr_data            ? 
_pdbx_database_status.methods_development_category    ? 
# 
loop_
_audit_author.name 
_audit_author.pdbx_ordinal 
'Kang, H.'          1 
'Hines, J.V.'       2 
'Tinoco Junior, I.' 3 
# 
loop_
_citation.id 
_citation.title 
_citation.journal_abbrev 
_citation.journal_volume 
_citation.page_first 
_citation.page_last 
_citation.year 
_citation.journal_id_ASTM 
_citation.country 
_citation.journal_id_ISSN 
_citation.journal_id_CSD 
_citation.book_publisher 
_citation.pdbx_database_id_PubMed 
_citation.pdbx_database_id_DOI 
primary 'Conformation of a non-frameshifting RNA pseudoknot from mouse mammary tumor virus.'                  J.Mol.Biol. 259 135 
147 1996 JMOBAK UK 0022-2836 0070 ? 8648641 10.1006/jmbi.1996.0308 
1       'The Structure of an RNA Pseudoknot that Causes Efficient Frameshifting in Mouse Mammary Tumor Virus' J.Mol.Biol. 247 963 
?   1995 JMOBAK UK 0022-2836 0070 ? ?       ?                      
# 
loop_
_citation_author.citation_id 
_citation_author.name 
_citation_author.ordinal 
_citation_author.identifier_ORCID 
primary 'Kang, H.'          1 ? 
primary 'Hines, J.V.'       2 ? 
primary 'Tinoco Jr., I.'    3 ? 
1       'Shen, L.X.'        4 ? 
1       'Tinoco Junior, I.' 5 ? 
# 
_entity.id                         1 
_entity.type                       polymer 
_entity.src_method                 syn 
_entity.pdbx_description           'RNA PSEUDOKNOT APK' 
_entity.formula_weight             10332.243 
_entity.pdbx_number_of_molecules   1 
_entity.pdbx_ec                    ? 
_entity.pdbx_mutation              ? 
_entity.pdbx_fragment              ? 
_entity.details                    ? 
# 
_entity_name_com.entity_id   1 
_entity_name_com.name        APK 
# 
_entity_poly.entity_id                      1 
_entity_poly.type                           polyribonucleotide 
_entity_poly.nstd_linkage                   no 
_entity_poly.nstd_monomer                   no 
_entity_poly.pdbx_seq_one_letter_code       GGCGCAGUGGGCUAGCGCCACUCAAAAGCCCG 
_entity_poly.pdbx_seq_one_letter_code_can   GGCGCAGUGGGCUAGCGCCACUCAAAAGCCCG 
_entity_poly.pdbx_strand_id                 A 
_entity_poly.pdbx_target_identifier         ? 
# 
loop_
_entity_poly_seq.entity_id 
_entity_poly_seq.num 
_entity_poly_seq.mon_id 
_entity_poly_seq.hetero 
1 1  G n 
1 2  G n 
1 3  C n 
1 4  G n 
1 5  C n 
1 6  A n 
1 7  G n 
1 8  U n 
1 9  G n 
1 10 G n 
1 11 G n 
1 12 C n 
1 13 U n 
1 14 A n 
1 15 G n 
1 16 C n 
1 17 G n 
1 18 C n 
1 19 C n 
1 20 A n 
1 21 C n 
1 22 U n 
1 23 C n 
1 24 A n 
1 25 A n 
1 26 A n 
1 27 A n 
1 28 G n 
1 29 C n 
1 30 C n 
1 31 C n 
1 32 G n 
# 
loop_
_chem_comp.id 
_chem_comp.type 
_chem_comp.mon_nstd_flag 
_chem_comp.name 
_chem_comp.pdbx_synonyms 
_chem_comp.formula 
_chem_comp.formula_weight 
A 'RNA linking' y "ADENOSINE-5'-MONOPHOSPHATE" ? 'C10 H14 N5 O7 P' 347.221 
C 'RNA linking' y "CYTIDINE-5'-MONOPHOSPHATE"  ? 'C9 H14 N3 O8 P'  323.197 
G 'RNA linking' y "GUANOSINE-5'-MONOPHOSPHATE" ? 'C10 H14 N5 O8 P' 363.221 
U 'RNA linking' y "URIDINE-5'-MONOPHOSPHATE"   ? 'C9 H13 N2 O9 P'  324.181 
# 
loop_
_pdbx_poly_seq_scheme.asym_id 
_pdbx_poly_seq_scheme.entity_id 
_pdbx_poly_seq_scheme.seq_id 
_pdbx_poly_seq_scheme.mon_id 
_pdbx_poly_seq_scheme.ndb_seq_num 
_pdbx_poly_seq_scheme.pdb_seq_num 
_pdbx_poly_seq_scheme.auth_seq_num 
_pdbx_poly_seq_scheme.pdb_mon_id 
_pdbx_poly_seq_scheme.auth_mon_id 
_pdbx_poly_seq_scheme.pdb_strand_id 
_pdbx_poly_seq_scheme.pdb_ins_code 
_pdbx_poly_seq_scheme.hetero 
A 1 1  G 1  1  1  G G A . n 
A 1 2  G 2  2  2  G G A . n 
A 1 3  C 3  3  3  C C A . n 
A 1 4  G 4  4  4  G G A . n 
A 1 5  C 5  5  5  C C A . n 
A 1 6  A 6  6  6  A A A . n 
A 1 7  G 7  7  7  G G A . n 
A 1 8  U 8  8  8  U U A . n 
A 1 9  G 9  9  9  G G A . n 
A 1 10 G 10 10 10 G G A . n 
A 1 11 G 11 11 11 G G A . n 
A 1 12 C 12 12 12 C C A . n 
A 1 13 U 13 13 13 U U A . n 
A 1 14 A 14 14 14 A A A . n 
A 1 15 G 15 15 15 G G A . n 
A 1 16 C 16 16 16 C C A . n 
A 1 17 G 17 17 17 G G A . n 
A 1 18 C 18 18 18 C C A . n 
A 1 19 C 19 19 19 C C A . n 
A 1 20 A 20 20 20 A A A . n 
A 1 21 C 21 21 21 C C A . n 
A 1 22 U 22 22 22 U U A . n 
A 1 23 C 23 23 23 C C A . n 
A 1 24 A 24 24 24 A A A . n 
A 1 25 A 25 25 25 A A A . n 
A 1 26 A 26 26 26 A A A . n 
A 1 27 A 27 27 27 A A A . n 
A 1 28 G 28 28 28 G G A . n 
A 1 29 C 29 29 29 C C A . n 
A 1 30 C 30 30 30 C C A . n 
A 1 31 C 31 31 31 C C A . n 
A 1 32 G 32 32 32 G G A . n 
# 
loop_
_software.name 
_software.classification 
_software.version 
_software.citation_id 
_software.pdbx_ordinal 
X-PLOR 'model building' . ? 1 
X-PLOR refinement       . ? 2 
X-PLOR phasing          . ? 3 
# 
_cell.entry_id           1KAJ 
_cell.length_a           1.000 
_cell.length_b           1.000 
_cell.length_c           1.000 
_cell.angle_alpha        90.00 
_cell.angle_beta         90.00 
_cell.angle_gamma        90.00 
_cell.Z_PDB              1 
_cell.pdbx_unique_axis   ? 
# 
_symmetry.entry_id                         1KAJ 
_symmetry.space_group_name_H-M             'P 1' 
_symmetry.pdbx_full_space_group_name_H-M   ? 
_symmetry.cell_setting                     ? 
_symmetry.Int_Tables_number                1 
# 
_exptl.entry_id          1KAJ 
_exptl.method            'SOLUTION NMR' 
_exptl.crystals_number   ? 
# 
_struct.entry_id                  1KAJ 
_struct.title                     'CONFORMATION OF AN RNA PSEUDOKNOT FROM MOUSE MAMMARY TUMOR VIRUS, NMR, 1 STRUCTURE' 
_struct.pdbx_model_details        ? 
_struct.pdbx_CASP_flag            ? 
_struct.pdbx_model_type_details   ? 
# 
_struct_keywords.entry_id        1KAJ 
_struct_keywords.pdbx_keywords   RNA 
_struct_keywords.text            'PSEUDOKNOT, FRAMESHIFTING, RETROVIRUS, RIBONUCLEIC ACID, RNA' 
# 
_struct_asym.id                            A 
_struct_asym.pdbx_blank_PDB_chainid_flag   N 
_struct_asym.pdbx_modified                 N 
_struct_asym.entity_id                     1 
_struct_asym.details                       ? 
# 
_struct_ref.id                         1 
_struct_ref.entity_id                  1 
_struct_ref.db_name                    PDB 
_struct_ref.db_code                    1KAJ 
_struct_ref.pdbx_db_accession          1KAJ 
_struct_ref.pdbx_db_isoform            ? 
_struct_ref.pdbx_seq_one_letter_code   ? 
_struct_ref.pdbx_align_begin           ? 
# 
_struct_ref_seq.align_id                      1 
_struct_ref_seq.ref_id                        1 
_struct_ref_seq.pdbx_PDB_id_code              1KAJ 
_struct_ref_seq.pdbx_strand_id                A 
_struct_ref_seq.seq_align_beg                 1 
_struct_ref_seq.pdbx_seq_align_beg_ins_code   ? 
_struct_ref_seq.seq_align_end                 32 
_struct_ref_seq.pdbx_seq_align_end_ins_code   ? 
_struct_ref_seq.pdbx_db_accession             1KAJ 
_struct_ref_seq.db_align_beg                  1 
_struct_ref_seq.pdbx_db_align_beg_ins_code    ? 
_struct_ref_seq.db_align_end                  32 
_struct_ref_seq.pdbx_db_align_end_ins_code    ? 
_struct_ref_seq.pdbx_auth_seq_align_beg       1 
_struct_ref_seq.pdbx_auth_seq_align_end       32 
# 
_pdbx_struct_assembly.id                   1 
_pdbx_struct_assembly.details              author_defined_assembly 
_pdbx_struct_assembly.method_details       ? 
_pdbx_struct_assembly.oligomeric_details   monomeric 
_pdbx_struct_assembly.oligomeric_count     1 
# 
_pdbx_struct_assembly_gen.assembly_id       1 
_pdbx_struct_assembly_gen.oper_expression   1 
_pdbx_struct_assembly_gen.asym_id_list      A 
# 
_pdbx_struct_oper_list.id                   1 
_pdbx_struct_oper_list.type                 'identity operation' 
_pdbx_struct_oper_list.name                 1_555 
_pdbx_struct_oper_list.symmetry_operation   x,y,z 
_pdbx_struct_oper_list.matrix[1][1]         1.0000000000 
_pdbx_struct_oper_list.matrix[1][2]         0.0000000000 
_pdbx_struct_oper_list.matrix[1][3]         0.0000000000 
_pdbx_struct_oper_list.vector[1]            0.0000000000 
_pdbx_struct_oper_list.matrix[2][1]         0.0000000000 
_pdbx_struct_oper_list.matrix[2][2]         1.0000000000 
_pdbx_struct_oper_list.matrix[2][3]         0.0000000000 
_pdbx_struct_oper_list.vector[2]            0.0000000000 
_pdbx_struct_oper_list.matrix[3][1]         0.0000000000 
_pdbx_struct_oper_list.matrix[3][2]         0.0000000000 
_pdbx_struct_oper_list.matrix[3][3]         1.0000000000 
_pdbx_struct_oper_list.vector[3]            0.0000000000 
# 
_struct_biol.id   1 
# 
loop_
_struct_conn.id 
_struct_conn.conn_type_id 
_struct_conn.pdbx_leaving_atom_flag 
_struct_conn.pdbx_PDB_id 
_struct_conn.ptnr1_label_asym_id 
_struct_conn.ptnr1_label_comp_id 
_struct_conn.ptnr1_label_seq_id 
_struct_conn.ptnr1_label_atom_id 
_struct_conn.pdbx_ptnr1_label_alt_id 
_struct_conn.pdbx_ptnr1_PDB_ins_code 
_struct_conn.pdbx_ptnr1_standard_comp_id 
_struct_conn.ptnr1_symmetry 
_struct_conn.ptnr2_label_asym_id 
_struct_conn.ptnr2_label_comp_id 
_struct_conn.ptnr2_label_seq_id 
_struct_conn.ptnr2_label_atom_id 
_struct_conn.pdbx_ptnr2_label_alt_id 
_struct_conn.pdbx_ptnr2_PDB_ins_code 
_struct_conn.ptnr1_auth_asym_id 
_struct_conn.ptnr1_auth_comp_id 
_struct_conn.ptnr1_auth_seq_id 
_struct_conn.ptnr2_auth_asym_id 
_struct_conn.ptnr2_auth_comp_id 
_struct_conn.ptnr2_auth_seq_id 
_struct_conn.ptnr2_symmetry 
_struct_conn.pdbx_ptnr3_label_atom_id 
_struct_conn.pdbx_ptnr3_label_seq_id 
_struct_conn.pdbx_ptnr3_label_comp_id 
_struct_conn.pdbx_ptnr3_label_asym_id 
_struct_conn.pdbx_ptnr3_label_alt_id 
_struct_conn.pdbx_ptnr3_PDB_ins_code 
_struct_conn.details 
_struct_conn.pdbx_dist_value 
_struct_conn.pdbx_value_order 
_struct_conn.pdbx_role 
hydrog1  hydrog ? ? A G 1  N1 ? ? ? 1_555 A C 19 N3 ? ? A G 1  A C 19 1_555 ? ? ? ? ? ? WATSON-CRICK  ? ? ? 
hydrog2  hydrog ? ? A G 1  N2 ? ? ? 1_555 A C 19 O2 ? ? A G 1  A C 19 1_555 ? ? ? ? ? ? WATSON-CRICK  ? ? ? 
hydrog3  hydrog ? ? A G 1  O6 ? ? ? 1_555 A C 19 N4 ? ? A G 1  A C 19 1_555 ? ? ? ? ? ? WATSON-CRICK  ? ? ? 
hydrog4  hydrog ? ? A G 2  N1 ? ? ? 1_555 A C 18 N3 ? ? A G 2  A C 18 1_555 ? ? ? ? ? ? WATSON-CRICK  ? ? ? 
hydrog5  hydrog ? ? A G 2  N2 ? ? ? 1_555 A C 18 O2 ? ? A G 2  A C 18 1_555 ? ? ? ? ? ? WATSON-CRICK  ? ? ? 
hydrog6  hydrog ? ? A G 2  O6 ? ? ? 1_555 A C 18 N4 ? ? A G 2  A C 18 1_555 ? ? ? ? ? ? WATSON-CRICK  ? ? ? 
hydrog7  hydrog ? ? A C 3  N3 ? ? ? 1_555 A G 17 N1 ? ? A C 3  A G 17 1_555 ? ? ? ? ? ? WATSON-CRICK  ? ? ? 
hydrog8  hydrog ? ? A C 3  N4 ? ? ? 1_555 A G 17 O6 ? ? A C 3  A G 17 1_555 ? ? ? ? ? ? WATSON-CRICK  ? ? ? 
hydrog9  hydrog ? ? A C 3  O2 ? ? ? 1_555 A G 17 N2 ? ? A C 3  A G 17 1_555 ? ? ? ? ? ? WATSON-CRICK  ? ? ? 
hydrog10 hydrog ? ? A G 4  N1 ? ? ? 1_555 A C 16 N3 ? ? A G 4  A C 16 1_555 ? ? ? ? ? ? WATSON-CRICK  ? ? ? 
hydrog11 hydrog ? ? A G 4  N2 ? ? ? 1_555 A C 16 O2 ? ? A G 4  A C 16 1_555 ? ? ? ? ? ? WATSON-CRICK  ? ? ? 
hydrog12 hydrog ? ? A G 4  O6 ? ? ? 1_555 A C 16 N4 ? ? A G 4  A C 16 1_555 ? ? ? ? ? ? WATSON-CRICK  ? ? ? 
hydrog13 hydrog ? ? A C 5  N3 ? ? ? 1_555 A G 15 N1 ? ? A C 5  A G 15 1_555 ? ? ? ? ? ? WATSON-CRICK  ? ? ? 
hydrog14 hydrog ? ? A C 5  N4 ? ? ? 1_555 A G 15 O6 ? ? A C 5  A G 15 1_555 ? ? ? ? ? ? WATSON-CRICK  ? ? ? 
hydrog15 hydrog ? ? A C 5  O2 ? ? ? 1_555 A G 15 N2 ? ? A C 5  A G 15 1_555 ? ? ? ? ? ? WATSON-CRICK  ? ? ? 
hydrog16 hydrog ? ? A G 9  N1 ? ? ? 1_555 A C 31 N3 ? ? A G 9  A C 31 1_555 ? ? ? ? ? ? WATSON-CRICK  ? ? ? 
hydrog17 hydrog ? ? A G 9  N2 ? ? ? 1_555 A C 31 O2 ? ? A G 9  A C 31 1_555 ? ? ? ? ? ? WATSON-CRICK  ? ? ? 
hydrog18 hydrog ? ? A G 9  O6 ? ? ? 1_555 A C 31 N4 ? ? A G 9  A C 31 1_555 ? ? ? ? ? ? WATSON-CRICK  ? ? ? 
hydrog19 hydrog ? ? A G 9  N2 ? ? ? 1_555 A G 32 O6 ? ? A G 9  A G 32 1_555 ? ? ? ? ? ? 'G-G MISPAIR' ? ? ? 
hydrog20 hydrog ? ? A G 10 N1 ? ? ? 1_555 A C 30 N3 ? ? A G 10 A C 30 1_555 ? ? ? ? ? ? WATSON-CRICK  ? ? ? 
hydrog21 hydrog ? ? A G 10 N2 ? ? ? 1_555 A C 30 O2 ? ? A G 10 A C 30 1_555 ? ? ? ? ? ? WATSON-CRICK  ? ? ? 
hydrog22 hydrog ? ? A G 10 O6 ? ? ? 1_555 A C 30 N4 ? ? A G 10 A C 30 1_555 ? ? ? ? ? ? WATSON-CRICK  ? ? ? 
hydrog23 hydrog ? ? A G 11 N1 ? ? ? 1_555 A C 29 N3 ? ? A G 11 A C 29 1_555 ? ? ? ? ? ? WATSON-CRICK  ? ? ? 
hydrog24 hydrog ? ? A G 11 N2 ? ? ? 1_555 A C 29 O2 ? ? A G 11 A C 29 1_555 ? ? ? ? ? ? WATSON-CRICK  ? ? ? 
hydrog25 hydrog ? ? A G 11 O6 ? ? ? 1_555 A C 29 N4 ? ? A G 11 A C 29 1_555 ? ? ? ? ? ? WATSON-CRICK  ? ? ? 
hydrog26 hydrog ? ? A C 12 N3 ? ? ? 1_555 A G 28 N1 ? ? A C 12 A G 28 1_555 ? ? ? ? ? ? WATSON-CRICK  ? ? ? 
hydrog27 hydrog ? ? A C 12 N4 ? ? ? 1_555 A G 28 O6 ? ? A C 12 A G 28 1_555 ? ? ? ? ? ? WATSON-CRICK  ? ? ? 
hydrog28 hydrog ? ? A C 12 O2 ? ? ? 1_555 A G 28 N2 ? ? A C 12 A G 28 1_555 ? ? ? ? ? ? WATSON-CRICK  ? ? ? 
# 
_struct_conn_type.id          hydrog 
_struct_conn_type.criteria    ? 
_struct_conn_type.reference   ? 
# 
_pdbx_nmr_ensemble.entry_id                             1KAJ 
_pdbx_nmr_ensemble.conformers_calculated_total_number   ? 
_pdbx_nmr_ensemble.conformers_submitted_total_number    1 
_pdbx_nmr_ensemble.conformer_selection_criteria         ? 
# 
_pdbx_nmr_software.classification   refinement 
_pdbx_nmr_software.name             X-PLOR 
_pdbx_nmr_software.version          ? 
_pdbx_nmr_software.authors          BRUNGER 
_pdbx_nmr_software.ordinal          1 
# 
loop_
_chem_comp_atom.comp_id 
_chem_comp_atom.atom_id 
_chem_comp_atom.type_symbol 
_chem_comp_atom.pdbx_aromatic_flag 
_chem_comp_atom.pdbx_stereo_config 
_chem_comp_atom.pdbx_ordinal 
A OP3    O N N 1   
A P      P N N 2   
A OP1    O N N 3   
A OP2    O N N 4   
A "O5'"  O N N 5   
A "C5'"  C N N 6   
A "C4'"  C N R 7   
A "O4'"  O N N 8   
A "C3'"  C N S 9   
A "O3'"  O N N 10  
A "C2'"  C N R 11  
A "O2'"  O N N 12  
A "C1'"  C N R 13  
A N9     N Y N 14  
A C8     C Y N 15  
A N7     N Y N 16  
A C5     C Y N 17  
A C6     C Y N 18  
A N6     N N N 19  
A N1     N Y N 20  
A C2     C Y N 21  
A N3     N Y N 22  
A C4     C Y N 23  
A HOP3   H N N 24  
A HOP2   H N N 25  
A "H5'"  H N N 26  
A "H5''" H N N 27  
A "H4'"  H N N 28  
A "H3'"  H N N 29  
A "HO3'" H N N 30  
A "H2'"  H N N 31  
A "HO2'" H N N 32  
A "H1'"  H N N 33  
A H8     H N N 34  
A H61    H N N 35  
A H62    H N N 36  
A H2     H N N 37  
C OP3    O N N 38  
C P      P N N 39  
C OP1    O N N 40  
C OP2    O N N 41  
C "O5'"  O N N 42  
C "C5'"  C N N 43  
C "C4'"  C N R 44  
C "O4'"  O N N 45  
C "C3'"  C N S 46  
C "O3'"  O N N 47  
C "C2'"  C N R 48  
C "O2'"  O N N 49  
C "C1'"  C N R 50  
C N1     N N N 51  
C C2     C N N 52  
C O2     O N N 53  
C N3     N N N 54  
C C4     C N N 55  
C N4     N N N 56  
C C5     C N N 57  
C C6     C N N 58  
C HOP3   H N N 59  
C HOP2   H N N 60  
C "H5'"  H N N 61  
C "H5''" H N N 62  
C "H4'"  H N N 63  
C "H3'"  H N N 64  
C "HO3'" H N N 65  
C "H2'"  H N N 66  
C "HO2'" H N N 67  
C "H1'"  H N N 68  
C H41    H N N 69  
C H42    H N N 70  
C H5     H N N 71  
C H6     H N N 72  
G OP3    O N N 73  
G P      P N N 74  
G OP1    O N N 75  
G OP2    O N N 76  
G "O5'"  O N N 77  
G "C5'"  C N N 78  
G "C4'"  C N R 79  
G "O4'"  O N N 80  
G "C3'"  C N S 81  
G "O3'"  O N N 82  
G "C2'"  C N R 83  
G "O2'"  O N N 84  
G "C1'"  C N R 85  
G N9     N Y N 86  
G C8     C Y N 87  
G N7     N Y N 88  
G C5     C Y N 89  
G C6     C N N 90  
G O6     O N N 91  
G N1     N N N 92  
G C2     C N N 93  
G N2     N N N 94  
G N3     N N N 95  
G C4     C Y N 96  
G HOP3   H N N 97  
G HOP2   H N N 98  
G "H5'"  H N N 99  
G "H5''" H N N 100 
G "H4'"  H N N 101 
G "H3'"  H N N 102 
G "HO3'" H N N 103 
G "H2'"  H N N 104 
G "HO2'" H N N 105 
G "H1'"  H N N 106 
G H8     H N N 107 
G H1     H N N 108 
G H21    H N N 109 
G H22    H N N 110 
U OP3    O N N 111 
U P      P N N 112 
U OP1    O N N 113 
U OP2    O N N 114 
U "O5'"  O N N 115 
U "C5'"  C N N 116 
U "C4'"  C N R 117 
U "O4'"  O N N 118 
U "C3'"  C N S 119 
U "O3'"  O N N 120 
U "C2'"  C N R 121 
U "O2'"  O N N 122 
U "C1'"  C N R 123 
U N1     N N N 124 
U C2     C N N 125 
U O2     O N N 126 
U N3     N N N 127 
U C4     C N N 128 
U O4     O N N 129 
U C5     C N N 130 
U C6     C N N 131 
U HOP3   H N N 132 
U HOP2   H N N 133 
U "H5'"  H N N 134 
U "H5''" H N N 135 
U "H4'"  H N N 136 
U "H3'"  H N N 137 
U "HO3'" H N N 138 
U "H2'"  H N N 139 
U "HO2'" H N N 140 
U "H1'"  H N N 141 
U H3     H N N 142 
U H5     H N N 143 
U H6     H N N 144 
# 
loop_
_chem_comp_bond.comp_id 
_chem_comp_bond.atom_id_1 
_chem_comp_bond.atom_id_2 
_chem_comp_bond.value_order 
_chem_comp_bond.pdbx_aromatic_flag 
_chem_comp_bond.pdbx_stereo_config 
_chem_comp_bond.pdbx_ordinal 
A OP3   P      sing N N 1   
A OP3   HOP3   sing N N 2   
A P     OP1    doub N N 3   
A P     OP2    sing N N 4   
A P     "O5'"  sing N N 5   
A OP2   HOP2   sing N N 6   
A "O5'" "C5'"  sing N N 7   
A "C5'" "C4'"  sing N N 8   
A "C5'" "H5'"  sing N N 9   
A "C5'" "H5''" sing N N 10  
A "C4'" "O4'"  sing N N 11  
A "C4'" "C3'"  sing N N 12  
A "C4'" "H4'"  sing N N 13  
A "O4'" "C1'"  sing N N 14  
A "C3'" "O3'"  sing N N 15  
A "C3'" "C2'"  sing N N 16  
A "C3'" "H3'"  sing N N 17  
A "O3'" "HO3'" sing N N 18  
A "C2'" "O2'"  sing N N 19  
A "C2'" "C1'"  sing N N 20  
A "C2'" "H2'"  sing N N 21  
A "O2'" "HO2'" sing N N 22  
A "C1'" N9     sing N N 23  
A "C1'" "H1'"  sing N N 24  
A N9    C8     sing Y N 25  
A N9    C4     sing Y N 26  
A C8    N7     doub Y N 27  
A C8    H8     sing N N 28  
A N7    C5     sing Y N 29  
A C5    C6     sing Y N 30  
A C5    C4     doub Y N 31  
A C6    N6     sing N N 32  
A C6    N1     doub Y N 33  
A N6    H61    sing N N 34  
A N6    H62    sing N N 35  
A N1    C2     sing Y N 36  
A C2    N3     doub Y N 37  
A C2    H2     sing N N 38  
A N3    C4     sing Y N 39  
C OP3   P      sing N N 40  
C OP3   HOP3   sing N N 41  
C P     OP1    doub N N 42  
C P     OP2    sing N N 43  
C P     "O5'"  sing N N 44  
C OP2   HOP2   sing N N 45  
C "O5'" "C5'"  sing N N 46  
C "C5'" "C4'"  sing N N 47  
C "C5'" "H5'"  sing N N 48  
C "C5'" "H5''" sing N N 49  
C "C4'" "O4'"  sing N N 50  
C "C4'" "C3'"  sing N N 51  
C "C4'" "H4'"  sing N N 52  
C "O4'" "C1'"  sing N N 53  
C "C3'" "O3'"  sing N N 54  
C "C3'" "C2'"  sing N N 55  
C "C3'" "H3'"  sing N N 56  
C "O3'" "HO3'" sing N N 57  
C "C2'" "O2'"  sing N N 58  
C "C2'" "C1'"  sing N N 59  
C "C2'" "H2'"  sing N N 60  
C "O2'" "HO2'" sing N N 61  
C "C1'" N1     sing N N 62  
C "C1'" "H1'"  sing N N 63  
C N1    C2     sing N N 64  
C N1    C6     sing N N 65  
C C2    O2     doub N N 66  
C C2    N3     sing N N 67  
C N3    C4     doub N N 68  
C C4    N4     sing N N 69  
C C4    C5     sing N N 70  
C N4    H41    sing N N 71  
C N4    H42    sing N N 72  
C C5    C6     doub N N 73  
C C5    H5     sing N N 74  
C C6    H6     sing N N 75  
G OP3   P      sing N N 76  
G OP3   HOP3   sing N N 77  
G P     OP1    doub N N 78  
G P     OP2    sing N N 79  
G P     "O5'"  sing N N 80  
G OP2   HOP2   sing N N 81  
G "O5'" "C5'"  sing N N 82  
G "C5'" "C4'"  sing N N 83  
G "C5'" "H5'"  sing N N 84  
G "C5'" "H5''" sing N N 85  
G "C4'" "O4'"  sing N N 86  
G "C4'" "C3'"  sing N N 87  
G "C4'" "H4'"  sing N N 88  
G "O4'" "C1'"  sing N N 89  
G "C3'" "O3'"  sing N N 90  
G "C3'" "C2'"  sing N N 91  
G "C3'" "H3'"  sing N N 92  
G "O3'" "HO3'" sing N N 93  
G "C2'" "O2'"  sing N N 94  
G "C2'" "C1'"  sing N N 95  
G "C2'" "H2'"  sing N N 96  
G "O2'" "HO2'" sing N N 97  
G "C1'" N9     sing N N 98  
G "C1'" "H1'"  sing N N 99  
G N9    C8     sing Y N 100 
G N9    C4     sing Y N 101 
G C8    N7     doub Y N 102 
G C8    H8     sing N N 103 
G N7    C5     sing Y N 104 
G C5    C6     sing N N 105 
G C5    C4     doub Y N 106 
G C6    O6     doub N N 107 
G C6    N1     sing N N 108 
G N1    C2     sing N N 109 
G N1    H1     sing N N 110 
G C2    N2     sing N N 111 
G C2    N3     doub N N 112 
G N2    H21    sing N N 113 
G N2    H22    sing N N 114 
G N3    C4     sing N N 115 
U OP3   P      sing N N 116 
U OP3   HOP3   sing N N 117 
U P     OP1    doub N N 118 
U P     OP2    sing N N 119 
U P     "O5'"  sing N N 120 
U OP2   HOP2   sing N N 121 
U "O5'" "C5'"  sing N N 122 
U "C5'" "C4'"  sing N N 123 
U "C5'" "H5'"  sing N N 124 
U "C5'" "H5''" sing N N 125 
U "C4'" "O4'"  sing N N 126 
U "C4'" "C3'"  sing N N 127 
U "C4'" "H4'"  sing N N 128 
U "O4'" "C1'"  sing N N 129 
U "C3'" "O3'"  sing N N 130 
U "C3'" "C2'"  sing N N 131 
U "C3'" "H3'"  sing N N 132 
U "O3'" "HO3'" sing N N 133 
U "C2'" "O2'"  sing N N 134 
U "C2'" "C1'"  sing N N 135 
U "C2'" "H2'"  sing N N 136 
U "O2'" "HO2'" sing N N 137 
U "C1'" N1     sing N N 138 
U "C1'" "H1'"  sing N N 139 
U N1    C2     sing N N 140 
U N1    C6     sing N N 141 
U C2    O2     doub N N 142 
U C2    N3     sing N N 143 
U N3    C4     sing N N 144 
U N3    H3     sing N N 145 
U C4    O4     doub N N 146 
U C4    C5     sing N N 147 
U C5    C6     doub N N 148 
U C5    H5     sing N N 149 
U C6    H6     sing N N 150 
# 
loop_
_ndb_struct_conf_na.entry_id 
_ndb_struct_conf_na.feature 
1KAJ 'double helix'        
1KAJ 'a-form double helix' 
# 
loop_
_ndb_struct_na_base_pair.model_number 
_ndb_struct_na_base_pair.i_label_asym_id 
_ndb_struct_na_base_pair.i_label_comp_id 
_ndb_struct_na_base_pair.i_label_seq_id 
_ndb_struct_na_base_pair.i_symmetry 
_ndb_struct_na_base_pair.j_label_asym_id 
_ndb_struct_na_base_pair.j_label_comp_id 
_ndb_struct_na_base_pair.j_label_seq_id 
_ndb_struct_na_base_pair.j_symmetry 
_ndb_struct_na_base_pair.shear 
_ndb_struct_na_base_pair.stretch 
_ndb_struct_na_base_pair.stagger 
_ndb_struct_na_base_pair.buckle 
_ndb_struct_na_base_pair.propeller 
_ndb_struct_na_base_pair.opening 
_ndb_struct_na_base_pair.pair_number 
_ndb_struct_na_base_pair.pair_name 
_ndb_struct_na_base_pair.i_auth_asym_id 
_ndb_struct_na_base_pair.i_auth_seq_id 
_ndb_struct_na_base_pair.i_PDB_ins_code 
_ndb_struct_na_base_pair.j_auth_asym_id 
_ndb_struct_na_base_pair.j_auth_seq_id 
_ndb_struct_na_base_pair.j_PDB_ins_code 
_ndb_struct_na_base_pair.hbond_type_28 
_ndb_struct_na_base_pair.hbond_type_12 
1 A G 1  1_555 A C 19 1_555 -0.468 -0.630 0.586  -11.222 -27.686 -10.336 1 A_G1:C19_A  A 1  ? A 19 ? 19 1 
1 A G 2  1_555 A C 18 1_555 -0.115 -0.305 0.786  -1.243  0.169   -2.256  2 A_G2:C18_A  A 2  ? A 18 ? 19 1 
1 A C 3  1_555 A G 17 1_555 0.458  -0.244 0.302  -14.173 13.244  -1.509  3 A_C3:G17_A  A 3  ? A 17 ? 19 1 
1 A G 4  1_555 A C 16 1_555 -0.401 -0.332 -0.220 13.583  2.289   -2.916  4 A_G4:C16_A  A 4  ? A 16 ? 19 1 
1 A C 5  1_555 A G 15 1_555 0.543  -0.306 -0.382 31.073  -26.231 -4.306  5 A_C5:G15_A  A 5  ? A 15 ? 19 1 
1 A G 9  1_555 A C 31 1_555 -0.525 -0.389 -0.035 1.879   -20.836 -0.450  6 A_G9:C31_A  A 9  ? A 31 ? 19 1 
1 A G 10 1_555 A C 30 1_555 -0.410 -0.324 0.872  12.406  4.478   -1.904  7 A_G10:C30_A A 10 ? A 30 ? 19 1 
1 A G 11 1_555 A C 29 1_555 -0.421 -0.363 0.352  6.316   -5.343  -5.132  8 A_G11:C29_A A 11 ? A 29 ? 19 1 
1 A C 12 1_555 A G 28 1_555 0.501  -0.317 -0.444 26.016  10.795  -0.860  9 A_C12:G28_A A 12 ? A 28 ? 19 1 
# 
loop_
_ndb_struct_na_base_pair_step.model_number 
_ndb_struct_na_base_pair_step.i_label_asym_id_1 
_ndb_struct_na_base_pair_step.i_label_comp_id_1 
_ndb_struct_na_base_pair_step.i_label_seq_id_1 
_ndb_struct_na_base_pair_step.i_symmetry_1 
_ndb_struct_na_base_pair_step.j_label_asym_id_1 
_ndb_struct_na_base_pair_step.j_label_comp_id_1 
_ndb_struct_na_base_pair_step.j_label_seq_id_1 
_ndb_struct_na_base_pair_step.j_symmetry_1 
_ndb_struct_na_base_pair_step.i_label_asym_id_2 
_ndb_struct_na_base_pair_step.i_label_comp_id_2 
_ndb_struct_na_base_pair_step.i_label_seq_id_2 
_ndb_struct_na_base_pair_step.i_symmetry_2 
_ndb_struct_na_base_pair_step.j_label_asym_id_2 
_ndb_struct_na_base_pair_step.j_label_comp_id_2 
_ndb_struct_na_base_pair_step.j_label_seq_id_2 
_ndb_struct_na_base_pair_step.j_symmetry_2 
_ndb_struct_na_base_pair_step.shift 
_ndb_struct_na_base_pair_step.slide 
_ndb_struct_na_base_pair_step.rise 
_ndb_struct_na_base_pair_step.tilt 
_ndb_struct_na_base_pair_step.roll 
_ndb_struct_na_base_pair_step.twist 
_ndb_struct_na_base_pair_step.x_displacement 
_ndb_struct_na_base_pair_step.y_displacement 
_ndb_struct_na_base_pair_step.helical_rise 
_ndb_struct_na_base_pair_step.inclination 
_ndb_struct_na_base_pair_step.tip 
_ndb_struct_na_base_pair_step.helical_twist 
_ndb_struct_na_base_pair_step.step_number 
_ndb_struct_na_base_pair_step.step_name 
_ndb_struct_na_base_pair_step.i_auth_asym_id_1 
_ndb_struct_na_base_pair_step.i_auth_seq_id_1 
_ndb_struct_na_base_pair_step.i_PDB_ins_code_1 
_ndb_struct_na_base_pair_step.j_auth_asym_id_1 
_ndb_struct_na_base_pair_step.j_auth_seq_id_1 
_ndb_struct_na_base_pair_step.j_PDB_ins_code_1 
_ndb_struct_na_base_pair_step.i_auth_asym_id_2 
_ndb_struct_na_base_pair_step.i_auth_seq_id_2 
_ndb_struct_na_base_pair_step.i_PDB_ins_code_2 
_ndb_struct_na_base_pair_step.j_auth_asym_id_2 
_ndb_struct_na_base_pair_step.j_auth_seq_id_2 
_ndb_struct_na_base_pair_step.j_PDB_ins_code_2 
1 A G 1  1_555 A C 19 1_555 A G 2  1_555 A C 18 1_555 1.642  -0.292 3.150 -3.502 14.165 30.535 -2.618 -3.350 2.570 25.171 6.223  
33.768 1 AA_G1G2:C18C19_AA   A 1  ? A 19 ? A 2  ? A 18 ? 
1 A G 2  1_555 A C 18 1_555 A C 3  1_555 A G 17 1_555 0.341  -1.094 4.258 0.672  29.182 35.933 -4.452 -0.366 2.696 40.159 -0.924 
45.989 2 AA_G2C3:G17C18_AA   A 2  ? A 18 ? A 3  ? A 17 ? 
1 A C 3  1_555 A G 17 1_555 A G 4  1_555 A C 16 1_555 0.237  -0.926 2.803 2.456  10.013 21.294 -4.932 0.076  2.166 25.276 -6.200 
23.633 3 AA_C3G4:C16G17_AA   A 3  ? A 17 ? A 4  ? A 16 ? 
1 A G 4  1_555 A C 16 1_555 A C 5  1_555 A G 15 1_555 0.513  -1.113 3.192 2.943  -6.215 36.552 -0.910 -0.409 3.359 -9.802 -4.642 
37.172 4 AA_G4C5:G15C16_AA   A 4  ? A 16 ? A 5  ? A 15 ? 
1 A G 9  1_555 A C 31 1_555 A G 10 1_555 A C 30 1_555 0.495  -0.231 3.215 -9.178 18.305 27.699 -3.117 -2.205 2.358 33.108 16.600 
34.327 5 AA_G9G10:C30C31_AA  A 9  ? A 31 ? A 10 ? A 30 ? 
1 A G 10 1_555 A C 30 1_555 A G 11 1_555 A C 29 1_555 -0.105 -1.164 4.079 2.358  21.634 32.536 -4.766 0.487  2.790 34.256 -3.734 
38.979 6 AA_G10G11:C29C30_AA A 10 ? A 30 ? A 11 ? A 29 ? 
1 A G 11 1_555 A C 29 1_555 A C 12 1_555 A G 28 1_555 1.137  -1.173 3.005 1.737  0.379  35.822 -1.955 -1.615 3.043 0.616  -2.822 
35.864 7 AA_G11C12:G28C29_AA A 11 ? A 29 ? A 12 ? A 28 ? 
# 
_atom_sites.entry_id                    1KAJ 
_atom_sites.fract_transf_matrix[1][1]   1.000000 
_atom_sites.fract_transf_matrix[1][2]   0.000000 
_atom_sites.fract_transf_matrix[1][3]   0.000000 
_atom_sites.fract_transf_matrix[2][1]   0.000000 
_atom_sites.fract_transf_matrix[2][2]   1.000000 
_atom_sites.fract_transf_matrix[2][3]   0.000000 
_atom_sites.fract_transf_matrix[3][1]   0.000000 
_atom_sites.fract_transf_matrix[3][2]   0.000000 
_atom_sites.fract_transf_matrix[3][3]   1.000000 
_atom_sites.fract_transf_vector[1]      0.00000 
_atom_sites.fract_transf_vector[2]      0.00000 
_atom_sites.fract_transf_vector[3]      0.00000 
# 
loop_
_atom_type.symbol 
C 
H 
N 
O 
P 
# 
loop_
_atom_site.group_PDB 
_atom_site.id 
_atom_site.type_symbol 
_atom_site.label_atom_id 
_atom_site.label_alt_id 
_atom_site.label_comp_id 
_atom_site.label_asym_id 
_atom_site.label_entity_id 
_atom_site.label_seq_id 
_atom_site.pdbx_PDB_ins_code 
_atom_site.Cartn_x 
_atom_site.Cartn_y 
_atom_site.Cartn_z 
_atom_site.occupancy 
_atom_site.B_iso_or_equiv 
_atom_site.pdbx_formal_charge 
_atom_site.auth_seq_id 
_atom_site.auth_comp_id 
_atom_site.auth_asym_id 
_atom_site.auth_atom_id 
_atom_site.pdbx_PDB_model_num 
ATOM 1    O "O5'"  . G A 1 1  ? 8.317   10.030  5.683   1.00 0.00 ? 1  G A "O5'"  1 
ATOM 2    C "C5'"  . G A 1 1  ? 8.911   10.521  6.889   1.00 0.00 ? 1  G A "C5'"  1 
ATOM 3    C "C4'"  . G A 1 1  ? 8.441   11.936  7.210   1.00 0.00 ? 1  G A "C4'"  1 
ATOM 4    O "O4'"  . G A 1 1  ? 8.695   12.790  6.087   1.00 0.00 ? 1  G A "O4'"  1 
ATOM 5    C "C3'"  . G A 1 1  ? 6.946   12.082  7.430   1.00 0.00 ? 1  G A "C3'"  1 
ATOM 6    O "O3'"  . G A 1 1  ? 6.682   11.841  8.819   1.00 0.00 ? 1  G A "O3'"  1 
ATOM 7    C "C2'"  . G A 1 1  ? 6.741   13.565  7.172   1.00 0.00 ? 1  G A "C2'"  1 
ATOM 8    O "O2'"  . G A 1 1  ? 7.207   14.340  8.282   1.00 0.00 ? 1  G A "O2'"  1 
ATOM 9    C "C1'"  . G A 1 1  ? 7.644   13.770  5.954   1.00 0.00 ? 1  G A "C1'"  1 
ATOM 10   N N9     . G A 1 1  ? 6.935   13.528  4.682   1.00 0.00 ? 1  G A N9     1 
ATOM 11   C C8     . G A 1 1  ? 6.486   12.339  4.169   1.00 0.00 ? 1  G A C8     1 
ATOM 12   N N7     . G A 1 1  ? 5.889   12.456  3.017   1.00 0.00 ? 1  G A N7     1 
ATOM 13   C C5     . G A 1 1  ? 5.949   13.819  2.746   1.00 0.00 ? 1  G A C5     1 
ATOM 14   C C6     . G A 1 1  ? 5.463   14.547  1.628   1.00 0.00 ? 1  G A C6     1 
ATOM 15   O O6     . G A 1 1  ? 4.885   14.123  0.631   1.00 0.00 ? 1  G A O6     1 
ATOM 16   N N1     . G A 1 1  ? 5.727   15.895  1.747   1.00 0.00 ? 1  G A N1     1 
ATOM 17   C C2     . G A 1 1  ? 6.375   16.483  2.800   1.00 0.00 ? 1  G A C2     1 
ATOM 18   N N2     . G A 1 1  ? 6.550   17.794  2.736   1.00 0.00 ? 1  G A N2     1 
ATOM 19   N N3     . G A 1 1  ? 6.838   15.818  3.857   1.00 0.00 ? 1  G A N3     1 
ATOM 20   C C4     . G A 1 1  ? 6.588   14.488  3.761   1.00 0.00 ? 1  G A C4     1 
ATOM 21   H "H5'"  . G A 1 1  ? 9.995   10.524  6.774   1.00 0.00 ? 1  G A "H5'"  1 
ATOM 22   H "H5''" . G A 1 1  ? 8.642   9.860   7.713   1.00 0.00 ? 1  G A "H5''" 1 
ATOM 23   H "H4'"  . G A 1 1  ? 8.993   12.307  8.074   1.00 0.00 ? 1  G A "H4'"  1 
ATOM 24   H "H3'"  . G A 1 1  ? 6.347   11.444  6.779   1.00 0.00 ? 1  G A "H3'"  1 
ATOM 25   H "H2'"  . G A 1 1  ? 5.700   13.790  6.936   1.00 0.00 ? 1  G A "H2'"  1 
ATOM 26   H "HO2'" . G A 1 1  ? 6.896   13.906  9.081   1.00 0.00 ? 1  G A "HO2'" 1 
ATOM 27   H "H1'"  . G A 1 1  ? 8.075   14.772  5.948   1.00 0.00 ? 1  G A "H1'"  1 
ATOM 28   H H8     . G A 1 1  ? 6.617   11.383  4.676   1.00 0.00 ? 1  G A H8     1 
ATOM 29   H H1     . G A 1 1  ? 5.414   16.489  0.998   1.00 0.00 ? 1  G A H1     1 
ATOM 30   H H21    . G A 1 1  ? 6.248   18.305  1.919   1.00 0.00 ? 1  G A H21    1 
ATOM 31   H H22    . G A 1 1  ? 6.984   18.280  3.507   1.00 0.00 ? 1  G A H22    1 
ATOM 32   H "HO5'" . G A 1 1  ? 8.487   10.683  4.997   1.00 0.00 ? 1  G A "HO5'" 1 
ATOM 33   P P      . G A 1 2  ? 5.247   11.277  9.292   1.00 0.00 ? 2  G A P      1 
ATOM 34   O OP1    . G A 1 2  ? 5.218   11.268  10.770  1.00 0.00 ? 2  G A OP1    1 
ATOM 35   O OP2    . G A 1 2  ? 4.967   10.032  8.541   1.00 0.00 ? 2  G A OP2    1 
ATOM 36   O "O5'"  . G A 1 2  ? 4.232   12.416  8.772   1.00 0.00 ? 2  G A "O5'"  1 
ATOM 37   C "C5'"  . G A 1 2  ? 4.162   13.690  9.425   1.00 0.00 ? 2  G A "C5'"  1 
ATOM 38   C "C4'"  . G A 1 2  ? 3.369   14.706  8.606   1.00 0.00 ? 2  G A "C4'"  1 
ATOM 39   O "O4'"  . G A 1 2  ? 3.973   14.865  7.316   1.00 0.00 ? 2  G A "O4'"  1 
ATOM 40   C "C3'"  . G A 1 2  ? 1.951   14.297  8.268   1.00 0.00 ? 2  G A "C3'"  1 
ATOM 41   O "O3'"  . G A 1 2  ? 1.112   14.684  9.365   1.00 0.00 ? 2  G A "O3'"  1 
ATOM 42   C "C2'"  . G A 1 2  ? 1.637   15.219  7.101   1.00 0.00 ? 2  G A "C2'"  1 
ATOM 43   O "O2'"  . G A 1 2  ? 1.346   16.541  7.564   1.00 0.00 ? 2  G A "O2'"  1 
ATOM 44   C "C1'"  . G A 1 2  ? 2.966   15.194  6.338   1.00 0.00 ? 2  G A "C1'"  1 
ATOM 45   N N9     . G A 1 2  ? 2.986   14.176  5.269   1.00 0.00 ? 2  G A N9     1 
ATOM 46   C C8     . G A 1 2  ? 3.343   12.857  5.351   1.00 0.00 ? 2  G A C8     1 
ATOM 47   N N7     . G A 1 2  ? 3.249   12.218  4.216   1.00 0.00 ? 2  G A N7     1 
ATOM 48   C C5     . G A 1 2  ? 2.800   13.186  3.321   1.00 0.00 ? 2  G A C5     1 
ATOM 49   C C6     . G A 1 2  ? 2.513   13.088  1.931   1.00 0.00 ? 2  G A C6     1 
ATOM 50   O O6     . G A 1 2  ? 2.602   12.107  1.199   1.00 0.00 ? 2  G A O6     1 
ATOM 51   N N1     . G A 1 2  ? 2.087   14.295  1.412   1.00 0.00 ? 2  G A N1     1 
ATOM 52   C C2     . G A 1 2  ? 1.950   15.456  2.130   1.00 0.00 ? 2  G A C2     1 
ATOM 53   N N2     . G A 1 2  ? 1.518   16.524  1.475   1.00 0.00 ? 2  G A N2     1 
ATOM 54   N N3     . G A 1 2  ? 2.215   15.565  3.430   1.00 0.00 ? 2  G A N3     1 
ATOM 55   C C4     . G A 1 2  ? 2.636   14.390  3.959   1.00 0.00 ? 2  G A C4     1 
ATOM 56   H "H5'"  . G A 1 2  ? 5.173   14.070  9.576   1.00 0.00 ? 2  G A "H5'"  1 
ATOM 57   H "H5''" . G A 1 2  ? 3.680   13.566  10.395  1.00 0.00 ? 2  G A "H5''" 1 
ATOM 58   H "H4'"  . G A 1 2  ? 3.380   15.667  9.123   1.00 0.00 ? 2  G A "H4'"  1 
ATOM 59   H "H3'"  . G A 1 2  ? 1.851   13.239  8.024   1.00 0.00 ? 2  G A "H3'"  1 
ATOM 60   H "H2'"  . G A 1 2  ? 0.825   14.825  6.491   1.00 0.00 ? 2  G A "H2'"  1 
ATOM 61   H "HO2'" . G A 1 2  ? 0.767   16.453  8.325   1.00 0.00 ? 2  G A "HO2'" 1 
ATOM 62   H "H1'"  . G A 1 2  ? 3.185   16.170  5.908   1.00 0.00 ? 2  G A "H1'"  1 
ATOM 63   H H8     . G A 1 2  ? 3.677   12.385  6.276   1.00 0.00 ? 2  G A H8     1 
ATOM 64   H H1     . G A 1 2  ? 1.872   14.320  0.428   1.00 0.00 ? 2  G A H1     1 
ATOM 65   H H21    . G A 1 2  ? 1.375   16.482  0.477   1.00 0.00 ? 2  G A H21    1 
ATOM 66   H H22    . G A 1 2  ? 1.332   17.378  1.976   1.00 0.00 ? 2  G A H22    1 
ATOM 67   P P      . C A 1 3  ? -0.292  13.938  9.622   1.00 0.00 ? 3  C A P      1 
ATOM 68   O OP1    . C A 1 3  ? -0.952  14.579  10.781  1.00 0.00 ? 3  C A OP1    1 
ATOM 69   O OP2    . C A 1 3  ? -0.047  12.478  9.626   1.00 0.00 ? 3  C A OP2    1 
ATOM 70   O "O5'"  . C A 1 3  ? -1.127  14.304  8.292   1.00 0.00 ? 3  C A "O5'"  1 
ATOM 71   C "C5'"  . C A 1 3  ? -1.984  15.453  8.257   1.00 0.00 ? 3  C A "C5'"  1 
ATOM 72   C "C4'"  . C A 1 3  ? -2.941  15.405  7.070   1.00 0.00 ? 3  C A "C4'"  1 
ATOM 73   O "O4'"  . C A 1 3  ? -2.205  15.500  5.843   1.00 0.00 ? 3  C A "O4'"  1 
ATOM 74   C "C3'"  . C A 1 3  ? -3.702  14.104  6.913   1.00 0.00 ? 3  C A "C3'"  1 
ATOM 75   O "O3'"  . C A 1 3  ? -4.868  14.181  7.743   1.00 0.00 ? 3  C A "O3'"  1 
ATOM 76   C "C2'"  . C A 1 3  ? -4.143  14.188  5.462   1.00 0.00 ? 3  C A "C2'"  1 
ATOM 77   O "O2'"  . C A 1 3  ? -5.236  15.099  5.311   1.00 0.00 ? 3  C A "O2'"  1 
ATOM 78   C "C1'"  . C A 1 3  ? -2.876  14.751  4.807   1.00 0.00 ? 3  C A "C1'"  1 
ATOM 79   N N1     . C A 1 3  ? -1.967  13.687  4.322   1.00 0.00 ? 3  C A N1     1 
ATOM 80   C C2     . C A 1 3  ? -2.166  13.203  3.036   1.00 0.00 ? 3  C A C2     1 
ATOM 81   O O2     . C A 1 3  ? -3.072  13.648  2.339   1.00 0.00 ? 3  C A O2     1 
ATOM 82   N N3     . C A 1 3  ? -1.339  12.231  2.567   1.00 0.00 ? 3  C A N3     1 
ATOM 83   C C4     . C A 1 3  ? -0.351  11.750  3.331   1.00 0.00 ? 3  C A C4     1 
ATOM 84   N N4     . C A 1 3  ? 0.426   10.805  2.812   1.00 0.00 ? 3  C A N4     1 
ATOM 85   C C5     . C A 1 3  ? -0.139  12.242  4.658   1.00 0.00 ? 3  C A C5     1 
ATOM 86   C C6     . C A 1 3  ? -0.964  13.202  5.110   1.00 0.00 ? 3  C A C6     1 
ATOM 87   H "H5'"  . C A 1 3  ? -1.373  16.353  8.185   1.00 0.00 ? 3  C A "H5'"  1 
ATOM 88   H "H5''" . C A 1 3  ? -2.566  15.489  9.178   1.00 0.00 ? 3  C A "H5''" 1 
ATOM 89   H "H4'"  . C A 1 3  ? -3.631  16.247  7.135   1.00 0.00 ? 3  C A "H4'"  1 
ATOM 90   H "H3'"  . C A 1 3  ? -3.098  13.222  7.131   1.00 0.00 ? 3  C A "H3'"  1 
ATOM 91   H "H2'"  . C A 1 3  ? -4.389  13.205  5.063   1.00 0.00 ? 3  C A "H2'"  1 
ATOM 92   H "HO2'" . C A 1 3  ? -6.041  14.609  5.500   1.00 0.00 ? 3  C A "HO2'" 1 
ATOM 93   H "H1'"  . C A 1 3  ? -3.126  15.418  3.982   1.00 0.00 ? 3  C A "H1'"  1 
ATOM 94   H H41    . C A 1 3  ? 0.223   10.431  1.895   1.00 0.00 ? 3  C A H41    1 
ATOM 95   H H42    . C A 1 3  ? 1.220   10.462  3.334   1.00 0.00 ? 3  C A H42    1 
ATOM 96   H H5     . C A 1 3  ? 0.665   11.861  5.286   1.00 0.00 ? 3  C A H5     1 
ATOM 97   H H6     . C A 1 3  ? -0.832  13.596  6.119   1.00 0.00 ? 3  C A H6     1 
ATOM 98   P P      . G A 1 4  ? -5.503  12.846  8.382   1.00 0.00 ? 4  G A P      1 
ATOM 99   O OP1    . G A 1 4  ? -6.465  13.248  9.433   1.00 0.00 ? 4  G A OP1    1 
ATOM 100  O OP2    . G A 1 4  ? -4.397  11.917  8.710   1.00 0.00 ? 4  G A OP2    1 
ATOM 101  O "O5'"  . G A 1 4  ? -6.330  12.229  7.146   1.00 0.00 ? 4  G A "O5'"  1 
ATOM 102  C "C5'"  . G A 1 4  ? -7.522  12.867  6.673   1.00 0.00 ? 4  G A "C5'"  1 
ATOM 103  C "C4'"  . G A 1 4  ? -7.858  12.455  5.244   1.00 0.00 ? 4  G A "C4'"  1 
ATOM 104  O "O4'"  . G A 1 4  ? -6.729  12.703  4.399   1.00 0.00 ? 4  G A "O4'"  1 
ATOM 105  C "C3'"  . G A 1 4  ? -8.119  10.977  5.034   1.00 0.00 ? 4  G A "C3'"  1 
ATOM 106  O "O3'"  . G A 1 4  ? -9.504  10.734  5.319   1.00 0.00 ? 4  G A "O3'"  1 
ATOM 107  C "C2'"  . G A 1 4  ? -7.923  10.846  3.531   1.00 0.00 ? 4  G A "C2'"  1 
ATOM 108  O "O2'"  . G A 1 4  ? -9.072  11.321  2.823   1.00 0.00 ? 4  G A "O2'"  1 
ATOM 109  C "C1'"  . G A 1 4  ? -6.727  11.773  3.297   1.00 0.00 ? 4  G A "C1'"  1 
ATOM 110  N N9     . G A 1 4  ? -5.445  11.042  3.282   1.00 0.00 ? 4  G A N9     1 
ATOM 111  C C8     . G A 1 4  ? -4.604  10.753  4.327   1.00 0.00 ? 4  G A C8     1 
ATOM 112  N N7     . G A 1 4  ? -3.554  10.061  3.977   1.00 0.00 ? 4  G A N7     1 
ATOM 113  C C5     . G A 1 4  ? -3.713  9.881   2.607   1.00 0.00 ? 4  G A C5     1 
ATOM 114  C C6     . G A 1 4  ? -2.885  9.201   1.670   1.00 0.00 ? 4  G A C6     1 
ATOM 115  O O6     . G A 1 4  ? -1.828  8.610   1.872   1.00 0.00 ? 4  G A O6     1 
ATOM 116  N N1     . G A 1 4  ? -3.408  9.257   0.393   1.00 0.00 ? 4  G A N1     1 
ATOM 117  C C2     . G A 1 4  ? -4.579  9.883   0.049   1.00 0.00 ? 4  G A C2     1 
ATOM 118  N N2     . G A 1 4  ? -4.932  9.844   -1.227  1.00 0.00 ? 4  G A N2     1 
ATOM 119  N N3     . G A 1 4  ? -5.365  10.521  0.912   1.00 0.00 ? 4  G A N3     1 
ATOM 120  C C4     . G A 1 4  ? -4.869  10.478  2.172   1.00 0.00 ? 4  G A C4     1 
ATOM 121  H "H5'"  . G A 1 4  ? -7.384  13.948  6.706   1.00 0.00 ? 4  G A "H5'"  1 
ATOM 122  H "H5''" . G A 1 4  ? -8.353  12.596  7.325   1.00 0.00 ? 4  G A "H5''" 1 
ATOM 123  H "H4'"  . G A 1 4  ? -8.703  13.048  4.891   1.00 0.00 ? 4  G A "H4'"  1 
ATOM 124  H "H3'"  . G A 1 4  ? -7.458  10.332  5.615   1.00 0.00 ? 4  G A "H3'"  1 
ATOM 125  H "H2'"  . G A 1 4  ? -7.685  9.820   3.251   1.00 0.00 ? 4  G A "H2'"  1 
ATOM 126  H "HO2'" . G A 1 4  ? -9.191  10.748  2.058   1.00 0.00 ? 4  G A "HO2'" 1 
ATOM 127  H "H1'"  . G A 1 4  ? -6.838  12.323  2.362   1.00 0.00 ? 4  G A "H1'"  1 
ATOM 128  H H8     . G A 1 4  ? -4.794  11.073  5.351   1.00 0.00 ? 4  G A H8     1 
ATOM 129  H H1     . G A 1 4  ? -2.886  8.796   -0.337  1.00 0.00 ? 4  G A H1     1 
ATOM 130  H H21    . G A 1 4  ? -4.342  9.378   -1.900  1.00 0.00 ? 4  G A H21    1 
ATOM 131  H H22    . G A 1 4  ? -5.792  10.279  -1.523  1.00 0.00 ? 4  G A H22    1 
ATOM 132  P P      . C A 1 5  ? -10.072 9.231   5.459   1.00 0.00 ? 5  C A P      1 
ATOM 133  O OP1    . C A 1 5  ? -11.484 9.306   5.899   1.00 0.00 ? 5  C A OP1    1 
ATOM 134  O OP2    . C A 1 5  ? -9.098  8.439   6.244   1.00 0.00 ? 5  C A OP2    1 
ATOM 135  O "O5'"  . C A 1 5  ? -10.045 8.689   3.940   1.00 0.00 ? 5  C A "O5'"  1 
ATOM 136  C "C5'"  . C A 1 5  ? -10.908 9.251   2.942   1.00 0.00 ? 5  C A "C5'"  1 
ATOM 137  C "C4'"  . C A 1 5  ? -10.499 8.820   1.535   1.00 0.00 ? 5  C A "C4'"  1 
ATOM 138  O "O4'"  . C A 1 5  ? -9.119  9.149   1.322   1.00 0.00 ? 5  C A "O4'"  1 
ATOM 139  C "C3'"  . C A 1 5  ? -10.553 7.324   1.280   1.00 0.00 ? 5  C A "C3'"  1 
ATOM 140  O "O3'"  . C A 1 5  ? -11.868 7.018   0.792   1.00 0.00 ? 5  C A "O3'"  1 
ATOM 141  C "C2'"  . C A 1 5  ? -9.586  7.168   0.119   1.00 0.00 ? 5  C A "C2'"  1 
ATOM 142  O "O2'"  . C A 1 5  ? -10.191 7.602   -1.102  1.00 0.00 ? 5  C A "O2'"  1 
ATOM 143  C "C1'"  . C A 1 5  ? -8.471  8.128   0.536   1.00 0.00 ? 5  C A "C1'"  1 
ATOM 144  N N1     . C A 1 5  ? -7.441  7.473   1.371   1.00 0.00 ? 5  C A N1     1 
ATOM 145  C C2     . C A 1 5  ? -6.285  7.024   0.744   1.00 0.00 ? 5  C A C2     1 
ATOM 146  O O2     . C A 1 5  ? -6.136  7.166   -0.467  1.00 0.00 ? 5  C A O2     1 
ATOM 147  N N3     . C A 1 5  ? -5.325  6.423   1.497   1.00 0.00 ? 5  C A N3     1 
ATOM 148  C C4     . C A 1 5  ? -5.493  6.264   2.814   1.00 0.00 ? 5  C A C4     1 
ATOM 149  N N4     . C A 1 5  ? -4.519  5.668   3.492   1.00 0.00 ? 5  C A N4     1 
ATOM 150  C C5     . C A 1 5  ? -6.678  6.720   3.467   1.00 0.00 ? 5  C A C5     1 
ATOM 151  C C6     . C A 1 5  ? -7.619  7.316   2.714   1.00 0.00 ? 5  C A C6     1 
ATOM 152  H "H5'"  . C A 1 5  ? -10.865 10.339  3.005   1.00 0.00 ? 5  C A "H5'"  1 
ATOM 153  H "H5''" . C A 1 5  ? -11.931 8.924   3.130   1.00 0.00 ? 5  C A "H5''" 1 
ATOM 154  H "H4'"  . C A 1 5  ? -11.111 9.356   0.807   1.00 0.00 ? 5  C A "H4'"  1 
ATOM 155  H "H3'"  . C A 1 5  ? -10.287 6.724   2.151   1.00 0.00 ? 5  C A "H3'"  1 
ATOM 156  H "H2'"  . C A 1 5  ? -9.218  6.143   0.040   1.00 0.00 ? 5  C A "H2'"  1 
ATOM 157  H "HO2'" . C A 1 5  ? -11.132 7.693   -0.935  1.00 0.00 ? 5  C A "HO2'" 1 
ATOM 158  H "H1'"  . C A 1 5  ? -8.000  8.582   -0.335  1.00 0.00 ? 5  C A "H1'"  1 
ATOM 159  H H41    . C A 1 5  ? -3.679  5.369   3.012   1.00 0.00 ? 5  C A H41    1 
ATOM 160  H H42    . C A 1 5  ? -4.615  5.514   4.486   1.00 0.00 ? 5  C A H42    1 
ATOM 161  H H5     . C A 1 5  ? -6.826  6.590   4.538   1.00 0.00 ? 5  C A H5     1 
ATOM 162  H H6     . C A 1 5  ? -8.534  7.681   3.184   1.00 0.00 ? 5  C A H6     1 
ATOM 163  P P      . A A 1 6  ? -12.451 5.515   0.874   1.00 0.00 ? 6  A A P      1 
ATOM 164  O OP1    . A A 1 6  ? -13.870 5.546   0.455   1.00 0.00 ? 6  A A OP1    1 
ATOM 165  O OP2    . A A 1 6  ? -12.082 4.947   2.190   1.00 0.00 ? 6  A A OP2    1 
ATOM 166  O "O5'"  . A A 1 6  ? -11.606 4.744   -0.261  1.00 0.00 ? 6  A A "O5'"  1 
ATOM 167  C "C5'"  . A A 1 6  ? -11.670 5.154   -1.633  1.00 0.00 ? 6  A A "C5'"  1 
ATOM 168  C "C4'"  . A A 1 6  ? -10.816 4.263   -2.528  1.00 0.00 ? 6  A A "C4'"  1 
ATOM 169  O "O4'"  . A A 1 6  ? -9.474  4.227   -2.024  1.00 0.00 ? 6  A A "O4'"  1 
ATOM 170  C "C3'"  . A A 1 6  ? -11.225 2.802   -2.553  1.00 0.00 ? 6  A A "C3'"  1 
ATOM 171  O "O3'"  . A A 1 6  ? -12.200 2.644   -3.594  1.00 0.00 ? 6  A A "O3'"  1 
ATOM 172  C "C2'"  . A A 1 6  ? -9.943  2.129   -3.010  1.00 0.00 ? 6  A A "C2'"  1 
ATOM 173  O "O2'"  . A A 1 6  ? -9.743  2.321   -4.414  1.00 0.00 ? 6  A A "O2'"  1 
ATOM 174  C "C1'"  . A A 1 6  ? -8.906  2.916   -2.206  1.00 0.00 ? 6  A A "C1'"  1 
ATOM 175  N N9     . A A 1 6  ? -8.663  2.322   -0.876  1.00 0.00 ? 6  A A N9     1 
ATOM 176  C C8     . A A 1 6  ? -8.954  2.844   0.359   1.00 0.00 ? 6  A A C8     1 
ATOM 177  N N7     . A A 1 6  ? -8.641  2.052   1.348   1.00 0.00 ? 6  A A N7     1 
ATOM 178  C C5     . A A 1 6  ? -8.106  0.931   0.718   1.00 0.00 ? 6  A A C5     1 
ATOM 179  C C6     . A A 1 6  ? -7.584  -0.277  1.206   1.00 0.00 ? 6  A A C6     1 
ATOM 180  N N6     . A A 1 6  ? -7.519  -0.584  2.498   1.00 0.00 ? 6  A A N6     1 
ATOM 181  N N1     . A A 1 6  ? -7.137  -1.172  0.313   1.00 0.00 ? 6  A A N1     1 
ATOM 182  C C2     . A A 1 6  ? -7.208  -0.882  -0.981  1.00 0.00 ? 6  A A C2     1 
ATOM 183  N N3     . A A 1 6  ? -7.674  0.210   -1.565  1.00 0.00 ? 6  A A N3     1 
ATOM 184  C C4     . A A 1 6  ? -8.115  1.087   -0.638  1.00 0.00 ? 6  A A C4     1 
ATOM 185  H "H5'"  . A A 1 6  ? -11.314 6.182   -1.714  1.00 0.00 ? 6  A A "H5'"  1 
ATOM 186  H "H5''" . A A 1 6  ? -12.706 5.111   -1.971  1.00 0.00 ? 6  A A "H5''" 1 
ATOM 187  H "H4'"  . A A 1 6  ? -10.807 4.676   -3.538  1.00 0.00 ? 6  A A "H4'"  1 
ATOM 188  H "H3'"  . A A 1 6  ? -11.585 2.436   -1.590  1.00 0.00 ? 6  A A "H3'"  1 
ATOM 189  H "H2'"  . A A 1 6  ? -9.931  1.072   -2.748  1.00 0.00 ? 6  A A "H2'"  1 
ATOM 190  H "HO2'" . A A 1 6  ? -10.600 2.222   -4.838  1.00 0.00 ? 6  A A "HO2'" 1 
ATOM 191  H "H1'"  . A A 1 6  ? -7.964  2.996   -2.748  1.00 0.00 ? 6  A A "H1'"  1 
ATOM 192  H H8     . A A 1 6  ? -9.403  3.827   0.502   1.00 0.00 ? 6  A A H8     1 
ATOM 193  H H61    . A A 1 6  ? -7.106  -1.458  2.788   1.00 0.00 ? 6  A A H61    1 
ATOM 194  H H62    . A A 1 6  ? -7.885  0.056   3.187   1.00 0.00 ? 6  A A H62    1 
ATOM 195  H H2     . A A 1 6  ? -6.831  -1.651  -1.654  1.00 0.00 ? 6  A A H2     1 
ATOM 196  P P      . G A 1 7  ? -13.381 1.557   -3.456  1.00 0.00 ? 7  G A P      1 
ATOM 197  O OP1    . G A 1 7  ? -14.319 1.747   -4.586  1.00 0.00 ? 7  G A OP1    1 
ATOM 198  O OP2    . G A 1 7  ? -13.886 1.593   -2.065  1.00 0.00 ? 7  G A OP2    1 
ATOM 199  O "O5'"  . G A 1 7  ? -12.604 0.161   -3.674  1.00 0.00 ? 7  G A "O5'"  1 
ATOM 200  C "C5'"  . G A 1 7  ? -12.027 -0.164  -4.946  1.00 0.00 ? 7  G A "C5'"  1 
ATOM 201  C "C4'"  . G A 1 7  ? -11.077 -1.354  -4.848  1.00 0.00 ? 7  G A "C4'"  1 
ATOM 202  O "O4'"  . G A 1 7  ? -10.073 -1.085  -3.865  1.00 0.00 ? 7  G A "O4'"  1 
ATOM 203  C "C3'"  . G A 1 7  ? -11.707 -2.644  -4.357  1.00 0.00 ? 7  G A "C3'"  1 
ATOM 204  O "O3'"  . G A 1 7  ? -12.231 -3.334  -5.503  1.00 0.00 ? 7  G A "O3'"  1 
ATOM 205  C "C2'"  . G A 1 7  ? -10.490 -3.417  -3.878  1.00 0.00 ? 7  G A "C2'"  1 
ATOM 206  O "O2'"  . G A 1 7  ? -9.784  -3.985  -4.988  1.00 0.00 ? 7  G A "O2'"  1 
ATOM 207  C "C1'"  . G A 1 7  ? -9.664  -2.309  -3.223  1.00 0.00 ? 7  G A "C1'"  1 
ATOM 208  N N9     . G A 1 7  ? -9.921  -2.207  -1.776  1.00 0.00 ? 7  G A N9     1 
ATOM 209  C C8     . G A 1 7  ? -10.645 -1.261  -1.099  1.00 0.00 ? 7  G A C8     1 
ATOM 210  N N7     . G A 1 7  ? -10.695 -1.461  0.189   1.00 0.00 ? 7  G A N7     1 
ATOM 211  C C5     . G A 1 7  ? -9.949  -2.621  0.375   1.00 0.00 ? 7  G A C5     1 
ATOM 212  C C6     . G A 1 7  ? -9.643  -3.332  1.569   1.00 0.00 ? 7  G A C6     1 
ATOM 213  O O6     . G A 1 7  ? -9.980  -3.075  2.721   1.00 0.00 ? 7  G A O6     1 
ATOM 214  N N1     . G A 1 7  ? -8.866  -4.446  1.314   1.00 0.00 ? 7  G A N1     1 
ATOM 215  C C2     . G A 1 7  ? -8.432  -4.835  0.072   1.00 0.00 ? 7  G A C2     1 
ATOM 216  N N2     . G A 1 7  ? -7.696  -5.936  0.008   1.00 0.00 ? 7  G A N2     1 
ATOM 217  N N3     . G A 1 7  ? -8.707  -4.180  -1.053  1.00 0.00 ? 7  G A N3     1 
ATOM 218  C C4     . G A 1 7  ? -9.469  -3.086  -0.824  1.00 0.00 ? 7  G A C4     1 
ATOM 219  H "H5'"  . G A 1 7  ? -11.475 0.700   -5.317  1.00 0.00 ? 7  G A "H5'"  1 
ATOM 220  H "H5''" . G A 1 7  ? -12.826 -0.404  -5.647  1.00 0.00 ? 7  G A "H5''" 1 
ATOM 221  H "H4'"  . G A 1 7  ? -10.598 -1.506  -5.816  1.00 0.00 ? 7  G A "H4'"  1 
ATOM 222  H "H3'"  . G A 1 7  ? -12.459 -2.495  -3.583  1.00 0.00 ? 7  G A "H3'"  1 
ATOM 223  H "H2'"  . G A 1 7  ? -10.768 -4.177  -3.150  1.00 0.00 ? 7  G A "H2'"  1 
ATOM 224  H "HO2'" . G A 1 7  ? -10.398 -4.024  -5.724  1.00 0.00 ? 7  G A "HO2'" 1 
ATOM 225  H "H1'"  . G A 1 7  ? -8.599  -2.468  -3.392  1.00 0.00 ? 7  G A "H1'"  1 
ATOM 226  H H8     . G A 1 7  ? -11.135 -0.424  -1.592  1.00 0.00 ? 7  G A H8     1 
ATOM 227  H H1     . G A 1 7  ? -8.606  -5.013  2.104   1.00 0.00 ? 7  G A H1     1 
ATOM 228  H H21    . G A 1 7  ? -7.489  -6.455  0.847   1.00 0.00 ? 7  G A H21    1 
ATOM 229  H H22    . G A 1 7  ? -7.351  -6.256  -0.884  1.00 0.00 ? 7  G A H22    1 
ATOM 230  P P      . U A 1 8  ? -13.410 -4.425  -5.345  1.00 0.00 ? 8  U A P      1 
ATOM 231  O OP1    . U A 1 8  ? -13.616 -5.073  -6.660  1.00 0.00 ? 8  U A OP1    1 
ATOM 232  O OP2    . U A 1 8  ? -14.549 -3.779  -4.656  1.00 0.00 ? 8  U A OP2    1 
ATOM 233  O "O5'"  . U A 1 8  ? -12.765 -5.510  -4.342  1.00 0.00 ? 8  U A "O5'"  1 
ATOM 234  C "C5'"  . U A 1 8  ? -11.685 -6.355  -4.765  1.00 0.00 ? 8  U A "C5'"  1 
ATOM 235  C "C4'"  . U A 1 8  ? -11.102 -7.146  -3.597  1.00 0.00 ? 8  U A "C4'"  1 
ATOM 236  O "O4'"  . U A 1 8  ? -10.740 -6.246  -2.553  1.00 0.00 ? 8  U A "O4'"  1 
ATOM 237  C "C3'"  . U A 1 8  ? -12.068 -8.088  -2.913  1.00 0.00 ? 8  U A "C3'"  1 
ATOM 238  O "O3'"  . U A 1 8  ? -12.001 -9.343  -3.609  1.00 0.00 ? 8  U A "O3'"  1 
ATOM 239  C "C2'"  . U A 1 8  ? -11.430 -8.289  -1.540  1.00 0.00 ? 8  U A "C2'"  1 
ATOM 240  O "O2'"  . U A 1 8  ? -10.454 -9.334  -1.588  1.00 0.00 ? 8  U A "O2'"  1 
ATOM 241  C "C1'"  . U A 1 8  ? -10.747 -6.932  -1.290  1.00 0.00 ? 8  U A "C1'"  1 
ATOM 242  N N1     . U A 1 8  ? -11.487 -6.102  -0.313  1.00 0.00 ? 8  U A N1     1 
ATOM 243  C C2     . U A 1 8  ? -11.219 -6.298  1.030   1.00 0.00 ? 8  U A C2     1 
ATOM 244  O O2     . U A 1 8  ? -10.379 -7.097  1.433   1.00 0.00 ? 8  U A O2     1 
ATOM 245  N N3     . U A 1 8  ? -11.940 -5.520  1.909   1.00 0.00 ? 8  U A N3     1 
ATOM 246  C C4     . U A 1 8  ? -12.887 -4.578  1.573   1.00 0.00 ? 8  U A C4     1 
ATOM 247  O O4     . U A 1 8  ? -13.463 -3.949  2.454   1.00 0.00 ? 8  U A O4     1 
ATOM 248  C C5     . U A 1 8  ? -13.112 -4.426  0.154   1.00 0.00 ? 8  U A C5     1 
ATOM 249  C C6     . U A 1 8  ? -12.414 -5.181  -0.728  1.00 0.00 ? 8  U A C6     1 
ATOM 250  H "H5'"  . U A 1 8  ? -10.901 -5.740  -5.204  1.00 0.00 ? 8  U A "H5'"  1 
ATOM 251  H "H5''" . U A 1 8  ? -12.053 -7.055  -5.518  1.00 0.00 ? 8  U A "H5''" 1 
ATOM 252  H "H4'"  . U A 1 8  ? -10.213 -7.680  -3.934  1.00 0.00 ? 8  U A "H4'"  1 
ATOM 253  H "H3'"  . U A 1 8  ? -13.086 -7.701  -2.861  1.00 0.00 ? 8  U A "H3'"  1 
ATOM 254  H "H2'"  . U A 1 8  ? -12.186 -8.491  -0.781  1.00 0.00 ? 8  U A "H2'"  1 
ATOM 255  H "HO2'" . U A 1 8  ? -10.764 -9.983  -2.227  1.00 0.00 ? 8  U A "HO2'" 1 
ATOM 256  H "H1'"  . U A 1 8  ? -9.722  -7.070  -0.947  1.00 0.00 ? 8  U A "H1'"  1 
ATOM 257  H H3     . U A 1 8  ? -11.757 -5.653  2.892   1.00 0.00 ? 8  U A H3     1 
ATOM 258  H H5     . U A 1 8  ? -13.842 -3.702  -0.206  1.00 0.00 ? 8  U A H5     1 
ATOM 259  H H6     . U A 1 8  ? -12.591 -5.050  -1.796  1.00 0.00 ? 8  U A H6     1 
ATOM 260  P P      . G A 1 9  ? -13.343 -10.105 -4.077  1.00 0.00 ? 9  G A P      1 
ATOM 261  O OP1    . G A 1 9  ? -12.958 -11.183 -5.015  1.00 0.00 ? 9  G A OP1    1 
ATOM 262  O OP2    . G A 1 9  ? -14.334 -9.086  -4.492  1.00 0.00 ? 9  G A OP2    1 
ATOM 263  O "O5'"  . G A 1 9  ? -13.855 -10.786 -2.709  1.00 0.00 ? 9  G A "O5'"  1 
ATOM 264  C "C5'"  . G A 1 9  ? -15.241 -10.750 -2.341  1.00 0.00 ? 9  G A "C5'"  1 
ATOM 265  C "C4'"  . G A 1 9  ? -15.474 -11.352 -0.958  1.00 0.00 ? 9  G A "C4'"  1 
ATOM 266  O "O4'"  . G A 1 9  ? -15.054 -12.719 -0.954  1.00 0.00 ? 9  G A "O4'"  1 
ATOM 267  C "C3'"  . G A 1 9  ? -14.658 -10.728 0.155   1.00 0.00 ? 9  G A "C3'"  1 
ATOM 268  O "O3'"  . G A 1 9  ? -15.414 -9.617  0.660   1.00 0.00 ? 9  G A "O3'"  1 
ATOM 269  C "C2'"  . G A 1 9  ? -14.676 -11.823 1.214   1.00 0.00 ? 9  G A "C2'"  1 
ATOM 270  O "O2'"  . G A 1 9  ? -15.910 -11.809 1.938   1.00 0.00 ? 9  G A "O2'"  1 
ATOM 271  C "C1'"  . G A 1 9  ? -14.568 -13.088 0.352   1.00 0.00 ? 9  G A "C1'"  1 
ATOM 272  N N9     . G A 1 9  ? -13.181 -13.578 0.215   1.00 0.00 ? 9  G A N9     1 
ATOM 273  C C8     . G A 1 9  ? -12.136 -13.010 -0.467  1.00 0.00 ? 9  G A C8     1 
ATOM 274  N N7     . G A 1 9  ? -11.038 -13.713 -0.425  1.00 0.00 ? 9  G A N7     1 
ATOM 275  C C5     . G A 1 9  ? -11.380 -14.824 0.341   1.00 0.00 ? 9  G A C5     1 
ATOM 276  C C6     . G A 1 9  ? -10.595 -15.944 0.732   1.00 0.00 ? 9  G A C6     1 
ATOM 277  O O6     . G A 1 9  ? -9.420  -16.189 0.466   1.00 0.00 ? 9  G A O6     1 
ATOM 278  N N1     . G A 1 9  ? -11.322 -16.833 1.499   1.00 0.00 ? 9  G A N1     1 
ATOM 279  C C2     . G A 1 9  ? -12.637 -16.677 1.851   1.00 0.00 ? 9  G A C2     1 
ATOM 280  N N2     . G A 1 9  ? -13.174 -17.633 2.590   1.00 0.00 ? 9  G A N2     1 
ATOM 281  N N3     . G A 1 9  ? -13.389 -15.638 1.493   1.00 0.00 ? 9  G A N3     1 
ATOM 282  C C4     . G A 1 9  ? -12.693 -14.749 0.739   1.00 0.00 ? 9  G A C4     1 
ATOM 283  H "H5'"  . G A 1 9  ? -15.819 -11.311 -3.075  1.00 0.00 ? 9  G A "H5'"  1 
ATOM 284  H "H5''" . G A 1 9  ? -15.581 -9.713  -2.336  1.00 0.00 ? 9  G A "H5''" 1 
ATOM 285  H "H4'"  . G A 1 9  ? -16.539 -11.307 -0.726  1.00 0.00 ? 9  G A "H4'"  1 
ATOM 286  H "H3'"  . G A 1 9  ? -13.653 -10.439 -0.153  1.00 0.00 ? 9  G A "H3'"  1 
ATOM 287  H "H2'"  . G A 1 9  ? -13.824 -11.733 1.888   1.00 0.00 ? 9  G A "H2'"  1 
ATOM 288  H "HO2'" . G A 1 9  ? -15.912 -11.017 2.480   1.00 0.00 ? 9  G A "HO2'" 1 
ATOM 289  H "H1'"  . G A 1 9  ? -15.191 -13.885 0.756   1.00 0.00 ? 9  G A "H1'"  1 
ATOM 290  H H8     . G A 1 9  ? -12.215 -12.059 -0.995  1.00 0.00 ? 9  G A H8     1 
ATOM 291  H H1     . G A 1 9  ? -10.844 -17.657 1.819   1.00 0.00 ? 9  G A H1     1 
ATOM 292  H H21    . G A 1 9  ? -12.602 -18.394 2.926   1.00 0.00 ? 9  G A H21    1 
ATOM 293  H H22    . G A 1 9  ? -14.157 -17.605 2.812   1.00 0.00 ? 9  G A H22    1 
ATOM 294  P P      . G A 1 10 ? -14.678 -8.275  1.160   1.00 0.00 ? 10 G A P      1 
ATOM 295  O OP1    . G A 1 10 ? -15.716 -7.271  1.483   1.00 0.00 ? 10 G A OP1    1 
ATOM 296  O OP2    . G A 1 10 ? -13.609 -7.939  0.195   1.00 0.00 ? 10 G A OP2    1 
ATOM 297  O "O5'"  . G A 1 10 ? -13.986 -8.748  2.535   1.00 0.00 ? 10 G A "O5'"  1 
ATOM 298  C "C5'"  . G A 1 10 ? -14.771 -8.919  3.722   1.00 0.00 ? 10 G A "C5'"  1 
ATOM 299  C "C4'"  . G A 1 10 ? -14.028 -9.718  4.788   1.00 0.00 ? 10 G A "C4'"  1 
ATOM 300  O "O4'"  . G A 1 10 ? -13.711 -11.020 4.292   1.00 0.00 ? 10 G A "O4'"  1 
ATOM 301  C "C3'"  . G A 1 10 ? -12.673 -9.170  5.181   1.00 0.00 ? 10 G A "C3'"  1 
ATOM 302  O "O3'"  . G A 1 10 ? -12.884 -8.157  6.173   1.00 0.00 ? 10 G A "O3'"  1 
ATOM 303  C "C2'"  . G A 1 10 ? -12.048 -10.380 5.864   1.00 0.00 ? 10 G A "C2'"  1 
ATOM 304  O "O2'"  . G A 1 10 ? -12.563 -10.539 7.191   1.00 0.00 ? 10 G A "O2'"  1 
ATOM 305  C "C1'"  . G A 1 10 ? -12.532 -11.521 4.958   1.00 0.00 ? 10 G A "C1'"  1 
ATOM 306  N N9     . G A 1 10 ? -11.525 -11.896 3.945   1.00 0.00 ? 10 G A N9     1 
ATOM 307  C C8     . G A 1 10 ? -11.278 -11.322 2.724   1.00 0.00 ? 10 G A C8     1 
ATOM 308  N N7     . G A 1 10 ? -10.287 -11.873 2.078   1.00 0.00 ? 10 G A N7     1 
ATOM 309  C C5     . G A 1 10 ? -9.851  -12.883 2.929   1.00 0.00 ? 10 G A C5     1 
ATOM 310  C C6     . G A 1 10 ? -8.797  -13.826 2.768   1.00 0.00 ? 10 G A C6     1 
ATOM 311  O O6     . G A 1 10 ? -8.015  -13.950 1.829   1.00 0.00 ? 10 G A O6     1 
ATOM 312  N N1     . G A 1 10 ? -8.695  -14.668 3.860   1.00 0.00 ? 10 G A N1     1 
ATOM 313  C C2     . G A 1 10 ? -9.499  -14.616 4.970   1.00 0.00 ? 10 G A C2     1 
ATOM 314  N N2     . G A 1 10 ? -9.263  -15.502 5.927   1.00 0.00 ? 10 G A N2     1 
ATOM 315  N N3     . G A 1 10 ? -10.485 -13.742 5.137   1.00 0.00 ? 10 G A N3     1 
ATOM 316  C C4     . G A 1 10 ? -10.605 -12.906 4.077   1.00 0.00 ? 10 G A C4     1 
ATOM 317  H "H5'"  . G A 1 10 ? -15.694 -9.442  3.468   1.00 0.00 ? 10 G A "H5'"  1 
ATOM 318  H "H5''" . G A 1 10 ? -15.020 -7.937  4.126   1.00 0.00 ? 10 G A "H5''" 1 
ATOM 319  H "H4'"  . G A 1 10 ? -14.668 -9.818  5.664   1.00 0.00 ? 10 G A "H4'"  1 
ATOM 320  H "H3'"  . G A 1 10 ? -12.090 -8.805  4.335   1.00 0.00 ? 10 G A "H3'"  1 
ATOM 321  H "H2'"  . G A 1 10 ? -10.961 -10.315 5.867   1.00 0.00 ? 10 G A "H2'"  1 
ATOM 322  H "HO2'" . G A 1 10 ? -11.984 -10.047 7.779   1.00 0.00 ? 10 G A "HO2'" 1 
ATOM 323  H "H1'"  . G A 1 10 ? -12.797 -12.401 5.546   1.00 0.00 ? 10 G A "H1'"  1 
ATOM 324  H H8     . G A 1 10 ? -11.857 -10.487 2.330   1.00 0.00 ? 10 G A H8     1 
ATOM 325  H H1     . G A 1 10 ? -7.976  -15.373 3.828   1.00 0.00 ? 10 G A H1     1 
ATOM 326  H H21    . G A 1 10 ? -8.528  -16.183 5.816   1.00 0.00 ? 10 G A H21    1 
ATOM 327  H H22    . G A 1 10 ? -9.821  -15.494 6.768   1.00 0.00 ? 10 G A H22    1 
ATOM 328  P P      . G A 1 11 ? -11.804 -6.980  6.388   1.00 0.00 ? 11 G A P      1 
ATOM 329  O OP1    . G A 1 11 ? -12.411 -5.944  7.255   1.00 0.00 ? 11 G A OP1    1 
ATOM 330  O OP2    . G A 1 11 ? -11.257 -6.602  5.062   1.00 0.00 ? 11 G A OP2    1 
ATOM 331  O "O5'"  . G A 1 11 ? -10.640 -7.719  7.222   1.00 0.00 ? 11 G A "O5'"  1 
ATOM 332  C "C5'"  . G A 1 11 ? -10.807 -8.011  8.616   1.00 0.00 ? 11 G A "C5'"  1 
ATOM 333  C "C4'"  . G A 1 11 ? -9.623  -8.798  9.174   1.00 0.00 ? 11 G A "C4'"  1 
ATOM 334  O "O4'"  . G A 1 11 ? -9.480  -10.026 8.452   1.00 0.00 ? 11 G A "O4'"  1 
ATOM 335  C "C3'"  . G A 1 11 ? -8.274  -8.131  9.000   1.00 0.00 ? 11 G A "C3'"  1 
ATOM 336  O "O3'"  . G A 1 11 ? -8.069  -7.275  10.132  1.00 0.00 ? 11 G A "O3'"  1 
ATOM 337  C "C2'"  . G A 1 11 ? -7.324  -9.309  9.133   1.00 0.00 ? 11 G A "C2'"  1 
ATOM 338  O "O2'"  . G A 1 11 ? -7.158  -9.679  10.506  1.00 0.00 ? 11 G A "O2'"  1 
ATOM 339  C "C1'"  . G A 1 11 ? -8.090  -10.397 8.372   1.00 0.00 ? 11 G A "C1'"  1 
ATOM 340  N N9     . G A 1 11 ? -7.702  -10.481 6.950   1.00 0.00 ? 11 G A N9     1 
ATOM 341  C C8     . G A 1 11 ? -8.249  -9.832  5.873   1.00 0.00 ? 11 G A C8     1 
ATOM 342  N N7     . G A 1 11 ? -7.698  -10.151 4.734   1.00 0.00 ? 11 G A N7     1 
ATOM 343  C C5     . G A 1 11 ? -6.717  -11.074 5.084   1.00 0.00 ? 11 G A C5     1 
ATOM 344  C C6     . G A 1 11 ? -5.788  -11.777 4.267   1.00 0.00 ? 11 G A C6     1 
ATOM 345  O O6     . G A 1 11 ? -5.655  -11.737 3.048   1.00 0.00 ? 11 G A O6     1 
ATOM 346  N N1     . G A 1 11 ? -4.978  -12.605 5.017   1.00 0.00 ? 11 G A N1     1 
ATOM 347  C C2     . G A 1 11 ? -5.041  -12.749 6.376   1.00 0.00 ? 11 G A C2     1 
ATOM 348  N N2     . G A 1 11 ? -4.178  -13.586 6.931   1.00 0.00 ? 11 G A N2     1 
ATOM 349  N N3     . G A 1 11 ? -5.904  -12.103 7.157   1.00 0.00 ? 11 G A N3     1 
ATOM 350  C C4     . G A 1 11 ? -6.710  -11.281 6.442   1.00 0.00 ? 11 G A C4     1 
ATOM 351  H "H5'"  . G A 1 11 ? -11.716 -8.595  8.753   1.00 0.00 ? 11 G A "H5'"  1 
ATOM 352  H "H5''" . G A 1 11 ? -10.899 -7.075  9.167   1.00 0.00 ? 11 G A "H5''" 1 
ATOM 353  H "H4'"  . G A 1 11 ? -9.809  -9.021  10.226  1.00 0.00 ? 11 G A "H4'"  1 
ATOM 354  H "H3'"  . G A 1 11 ? -8.172  -7.597  8.054   1.00 0.00 ? 11 G A "H3'"  1 
ATOM 355  H "H2'"  . G A 1 11 ? -6.363  -9.101  8.660   1.00 0.00 ? 11 G A "H2'"  1 
ATOM 356  H "HO2'" . G A 1 11 ? -6.329  -10.158 10.574  1.00 0.00 ? 11 G A "HO2'" 1 
ATOM 357  H "H1'"  . G A 1 11 ? -7.950  -11.370 8.842   1.00 0.00 ? 11 G A "H1'"  1 
ATOM 358  H H8     . G A 1 11 ? -9.071  -9.121  5.960   1.00 0.00 ? 11 G A H8     1 
ATOM 359  H H1     . G A 1 11 ? -4.286  -13.143 4.518   1.00 0.00 ? 11 G A H1     1 
ATOM 360  H H21    . G A 1 11 ? -3.504  -14.070 6.356   1.00 0.00 ? 11 G A H21    1 
ATOM 361  H H22    . G A 1 11 ? -4.195  -13.738 7.928   1.00 0.00 ? 11 G A H22    1 
ATOM 362  P P      . C A 1 12 ? -7.036  -6.042  10.052  1.00 0.00 ? 12 C A P      1 
ATOM 363  O OP1    . C A 1 12 ? -6.923  -5.438  11.398  1.00 0.00 ? 12 C A OP1    1 
ATOM 364  O OP2    . C A 1 12 ? -7.413  -5.201  8.893   1.00 0.00 ? 12 C A OP2    1 
ATOM 365  O "O5'"  . C A 1 12 ? -5.642  -6.774  9.703   1.00 0.00 ? 12 C A "O5'"  1 
ATOM 366  C "C5'"  . C A 1 12 ? -4.914  -7.490  10.708  1.00 0.00 ? 12 C A "C5'"  1 
ATOM 367  C "C4'"  . C A 1 12 ? -3.651  -8.128  10.133  1.00 0.00 ? 12 C A "C4'"  1 
ATOM 368  O "O4'"  . C A 1 12 ? -4.014  -9.078  9.132   1.00 0.00 ? 12 C A "O4'"  1 
ATOM 369  C "C3'"  . C A 1 12 ? -2.736  -7.164  9.404   1.00 0.00 ? 12 C A "C3'"  1 
ATOM 370  O "O3'"  . C A 1 12 ? -1.810  -6.654  10.376  1.00 0.00 ? 12 C A "O3'"  1 
ATOM 371  C "C2'"  . C A 1 12 ? -1.958  -8.075  8.461   1.00 0.00 ? 12 C A "C2'"  1 
ATOM 372  O "O2'"  . C A 1 12 ? -0.815  -8.633  9.119   1.00 0.00 ? 12 C A "O2'"  1 
ATOM 373  C "C1'"  . C A 1 12 ? -2.983  -9.173  8.135   1.00 0.00 ? 12 C A "C1'"  1 
ATOM 374  N N1     . C A 1 12 ? -3.591  -9.001  6.800   1.00 0.00 ? 12 C A N1     1 
ATOM 375  C C2     . C A 1 12 ? -3.045  -9.724  5.751   1.00 0.00 ? 12 C A C2     1 
ATOM 376  O O2     . C A 1 12 ? -2.115  -10.498 5.951   1.00 0.00 ? 12 C A O2     1 
ATOM 377  N N3     . C A 1 12 ? -3.567  -9.569  4.506   1.00 0.00 ? 12 C A N3     1 
ATOM 378  C C4     . C A 1 12 ? -4.590  -8.734  4.296   1.00 0.00 ? 12 C A C4     1 
ATOM 379  N N4     . C A 1 12 ? -5.049  -8.621  3.053   1.00 0.00 ? 12 C A N4     1 
ATOM 380  C C5     . C A 1 12 ? -5.165  -7.987  5.371   1.00 0.00 ? 12 C A C5     1 
ATOM 381  C C6     . C A 1 12 ? -4.638  -8.149  6.600   1.00 0.00 ? 12 C A C6     1 
ATOM 382  H "H5'"  . C A 1 12 ? -5.550  -8.272  11.125  1.00 0.00 ? 12 C A "H5'"  1 
ATOM 383  H "H5''" . C A 1 12 ? -4.632  -6.799  11.504  1.00 0.00 ? 12 C A "H5''" 1 
ATOM 384  H "H4'"  . C A 1 12 ? -3.112  -8.638  10.933  1.00 0.00 ? 12 C A "H4'"  1 
ATOM 385  H "H3'"  . C A 1 12 ? -3.270  -6.366  8.889   1.00 0.00 ? 12 C A "H3'"  1 
ATOM 386  H "H2'"  . C A 1 12 ? -1.666  -7.537  7.556   1.00 0.00 ? 12 C A "H2'"  1 
ATOM 387  H "HO2'" . C A 1 12 ? -0.215  -7.907  9.312   1.00 0.00 ? 12 C A "HO2'" 1 
ATOM 388  H "H1'"  . C A 1 12 ? -2.521  -10.158 8.194   1.00 0.00 ? 12 C A "H1'"  1 
ATOM 389  H H41    . C A 1 12 ? -4.572  -9.089  2.293   1.00 0.00 ? 12 C A H41    1 
ATOM 390  H H42    . C A 1 12 ? -5.867  -8.061  2.866   1.00 0.00 ? 12 C A H42    1 
ATOM 391  H H5     . C A 1 12 ? -6.002  -7.308  5.212   1.00 0.00 ? 12 C A H5     1 
ATOM 392  H H6     . C A 1 12 ? -5.051  -7.592  7.442   1.00 0.00 ? 12 C A H6     1 
ATOM 393  P P      . U A 1 13 ? -1.002  -5.287  10.114  1.00 0.00 ? 13 U A P      1 
ATOM 394  O OP1    . U A 1 13 ? -0.383  -4.864  11.391  1.00 0.00 ? 13 U A OP1    1 
ATOM 395  O OP2    . U A 1 13 ? -1.888  -4.355  9.378   1.00 0.00 ? 13 U A OP2    1 
ATOM 396  O "O5'"  . U A 1 13 ? 0.174   -5.759  9.116   1.00 0.00 ? 13 U A "O5'"  1 
ATOM 397  C "C5'"  . U A 1 13 ? 0.719   -4.846  8.156   1.00 0.00 ? 13 U A "C5'"  1 
ATOM 398  C "C4'"  . U A 1 13 ? 1.376   -5.572  6.987   1.00 0.00 ? 13 U A "C4'"  1 
ATOM 399  O "O4'"  . U A 1 13 ? 0.422   -6.456  6.386   1.00 0.00 ? 13 U A "O4'"  1 
ATOM 400  C "C3'"  . U A 1 13 ? 1.813   -4.659  5.854   1.00 0.00 ? 13 U A "C3'"  1 
ATOM 401  O "O3'"  . U A 1 13 ? 3.192   -4.338  6.086   1.00 0.00 ? 13 U A "O3'"  1 
ATOM 402  C "C2'"  . U A 1 13 ? 1.753   -5.570  4.638   1.00 0.00 ? 13 U A "C2'"  1 
ATOM 403  O "O2'"  . U A 1 13 ? 2.924   -6.389  4.562   1.00 0.00 ? 13 U A "O2'"  1 
ATOM 404  C "C1'"  . U A 1 13 ? 0.520   -6.422  4.951   1.00 0.00 ? 13 U A "C1'"  1 
ATOM 405  N N1     . U A 1 13 ? -0.735  -5.853  4.417   1.00 0.00 ? 13 U A N1     1 
ATOM 406  C C2     . U A 1 13 ? -0.858  -5.728  3.045   1.00 0.00 ? 13 U A C2     1 
ATOM 407  O O2     . U A 1 13 ? 0.023   -6.068  2.265   1.00 0.00 ? 13 U A O2     1 
ATOM 408  N N3     . U A 1 13 ? -2.050  -5.209  2.591   1.00 0.00 ? 13 U A N3     1 
ATOM 409  C C4     . U A 1 13 ? -3.114  -4.812  3.372   1.00 0.00 ? 13 U A C4     1 
ATOM 410  O O4     . U A 1 13 ? -4.128  -4.367  2.843   1.00 0.00 ? 13 U A O4     1 
ATOM 411  C C5     . U A 1 13 ? -2.913  -4.973  4.793   1.00 0.00 ? 13 U A C5     1 
ATOM 412  C C6     . U A 1 13 ? -1.749  -5.478  5.262   1.00 0.00 ? 13 U A C6     1 
ATOM 413  H "H5'"  . U A 1 13 ? 1.461   -4.216  8.646   1.00 0.00 ? 13 U A "H5'"  1 
ATOM 414  H "H5''" . U A 1 13 ? -0.084  -4.215  7.772   1.00 0.00 ? 13 U A "H5''" 1 
ATOM 415  H "H4'"  . U A 1 13 ? 2.220   -6.156  7.357   1.00 0.00 ? 13 U A "H4'"  1 
ATOM 416  H "H3'"  . U A 1 13 ? 1.195   -3.766  5.754   1.00 0.00 ? 13 U A "H3'"  1 
ATOM 417  H "H2'"  . U A 1 13 ? 1.614   -4.997  3.720   1.00 0.00 ? 13 U A "H2'"  1 
ATOM 418  H "HO2'" . U A 1 13 ? 3.683   -5.803  4.586   1.00 0.00 ? 13 U A "HO2'" 1 
ATOM 419  H "H1'"  . U A 1 13 ? 0.645   -7.433  4.574   1.00 0.00 ? 13 U A "H1'"  1 
ATOM 420  H H3     . U A 1 13 ? -2.151  -5.109  1.595   1.00 0.00 ? 13 U A H3     1 
ATOM 421  H H5     . U A 1 13 ? -3.701  -4.695  5.492   1.00 0.00 ? 13 U A H5     1 
ATOM 422  H H6     . U A 1 13 ? -1.613  -5.592  6.337   1.00 0.00 ? 13 U A H6     1 
ATOM 423  P P      . A A 1 14 ? 3.825   -2.963  5.539   1.00 0.00 ? 14 A A P      1 
ATOM 424  O OP1    . A A 1 14 ? 5.231   -2.888  5.995   1.00 0.00 ? 14 A A OP1    1 
ATOM 425  O OP2    . A A 1 14 ? 2.887   -1.863  5.857   1.00 0.00 ? 14 A A OP2    1 
ATOM 426  O "O5'"  . A A 1 14 ? 3.827   -3.189  3.944   1.00 0.00 ? 14 A A "O5'"  1 
ATOM 427  C "C5'"  . A A 1 14 ? 3.389   -2.152  3.058   1.00 0.00 ? 14 A A "C5'"  1 
ATOM 428  C "C4'"  . A A 1 14 ? 2.754   -2.722  1.795   1.00 0.00 ? 14 A A "C4'"  1 
ATOM 429  O "O4'"  . A A 1 14 ? 1.592   -3.483  2.149   1.00 0.00 ? 14 A A "O4'"  1 
ATOM 430  C "C3'"  . A A 1 14 ? 2.223   -1.676  0.831   1.00 0.00 ? 14 A A "C3'"  1 
ATOM 431  O "O3'"  . A A 1 14 ? 3.279   -1.356  -0.085  1.00 0.00 ? 14 A A "O3'"  1 
ATOM 432  C "C2'"  . A A 1 14 ? 1.171   -2.454  0.060   1.00 0.00 ? 14 A A "C2'"  1 
ATOM 433  O "O2'"  . A A 1 14 ? 1.783   -3.298  -0.921  1.00 0.00 ? 14 A A "O2'"  1 
ATOM 434  C "C1'"  . A A 1 14 ? 0.547   -3.289  1.176   1.00 0.00 ? 14 A A "C1'"  1 
ATOM 435  N N9     . A A 1 14 ? -0.579  -2.602  1.837   1.00 0.00 ? 14 A A N9     1 
ATOM 436  C C8     . A A 1 14 ? -0.703  -2.245  3.154   1.00 0.00 ? 14 A A C8     1 
ATOM 437  N N7     . A A 1 14 ? -1.831  -1.655  3.433   1.00 0.00 ? 14 A A N7     1 
ATOM 438  C C5     . A A 1 14 ? -2.497  -1.621  2.210   1.00 0.00 ? 14 A A C5     1 
ATOM 439  C C6     . A A 1 14 ? -3.752  -1.123  1.822   1.00 0.00 ? 14 A A C6     1 
ATOM 440  N N6     . A A 1 14 ? -4.601  -0.535  2.659   1.00 0.00 ? 14 A A N6     1 
ATOM 441  N N1     . A A 1 14 ? -4.105  -1.250  0.536   1.00 0.00 ? 14 A A N1     1 
ATOM 442  C C2     . A A 1 14 ? -3.264  -1.834  -0.308  1.00 0.00 ? 14 A A C2     1 
ATOM 443  N N3     . A A 1 14 ? -2.063  -2.343  -0.072  1.00 0.00 ? 14 A A N3     1 
ATOM 444  C C4     . A A 1 14 ? -1.743  -2.196  1.231   1.00 0.00 ? 14 A A C4     1 
ATOM 445  H "H5'"  . A A 1 14 ? 4.245   -1.537  2.779   1.00 0.00 ? 14 A A "H5'"  1 
ATOM 446  H "H5''" . A A 1 14 ? 2.656   -1.529  3.572   1.00 0.00 ? 14 A A "H5''" 1 
ATOM 447  H "H4'"  . A A 1 14 ? 3.472   -3.375  1.297   1.00 0.00 ? 14 A A "H4'"  1 
ATOM 448  H "H3'"  . A A 1 14 ? 1.825   -0.791  1.328   1.00 0.00 ? 14 A A "H3'"  1 
ATOM 449  H "H2'"  . A A 1 14 ? 0.435   -1.788  -0.394  1.00 0.00 ? 14 A A "H2'"  1 
ATOM 450  H "HO2'" . A A 1 14 ? 2.573   -2.847  -1.230  1.00 0.00 ? 14 A A "HO2'" 1 
ATOM 451  H "H1'"  . A A 1 14 ? 0.213   -4.256  0.803   1.00 0.00 ? 14 A A "H1'"  1 
ATOM 452  H H8     . A A 1 14 ? 0.068   -2.443  3.898   1.00 0.00 ? 14 A A H8     1 
ATOM 453  H H61    . A A 1 14 ? -5.491  -0.202  2.321   1.00 0.00 ? 14 A A H61    1 
ATOM 454  H H62    . A A 1 14 ? -4.354  -0.419  3.632   1.00 0.00 ? 14 A A H62    1 
ATOM 455  H H2     . A A 1 14 ? -3.609  -1.905  -1.340  1.00 0.00 ? 14 A A H2     1 
ATOM 456  P P      . G A 1 15 ? 3.326   0.083   -0.810  1.00 0.00 ? 15 G A P      1 
ATOM 457  O OP1    . G A 1 15 ? 4.348   0.028   -1.880  1.00 0.00 ? 15 G A OP1    1 
ATOM 458  O OP2    . G A 1 15 ? 3.409   1.127   0.236   1.00 0.00 ? 15 G A OP2    1 
ATOM 459  O "O5'"  . G A 1 15 ? 1.872   0.175   -1.498  1.00 0.00 ? 15 G A "O5'"  1 
ATOM 460  C "C5'"  . G A 1 15 ? 1.543   -0.628  -2.642  1.00 0.00 ? 15 G A "C5'"  1 
ATOM 461  C "C4'"  . G A 1 15 ? 0.244   -0.164  -3.290  1.00 0.00 ? 15 G A "C4'"  1 
ATOM 462  O "O4'"  . G A 1 15 ? -0.833  -0.289  -2.349  1.00 0.00 ? 15 G A "O4'"  1 
ATOM 463  C "C3'"  . G A 1 15 ? 0.224   1.304   -3.669  1.00 0.00 ? 15 G A "C3'"  1 
ATOM 464  O "O3'"  . G A 1 15 ? 0.705   1.406   -5.016  1.00 0.00 ? 15 G A "O3'"  1 
ATOM 465  C "C2'"  . G A 1 15 ? -1.262  1.615   -3.685  1.00 0.00 ? 15 G A "C2'"  1 
ATOM 466  O "O2'"  . G A 1 15 ? -1.871  1.147   -4.893  1.00 0.00 ? 15 G A "O2'"  1 
ATOM 467  C "C1'"  . G A 1 15 ? -1.752  0.814   -2.485  1.00 0.00 ? 15 G A "C1'"  1 
ATOM 468  N N9     . G A 1 15 ? -1.724  1.611   -1.247  1.00 0.00 ? 15 G A N9     1 
ATOM 469  C C8     . G A 1 15 ? -0.918  1.451   -0.155  1.00 0.00 ? 15 G A C8     1 
ATOM 470  N N7     . G A 1 15 ? -1.120  2.335   0.782   1.00 0.00 ? 15 G A N7     1 
ATOM 471  C C5     . G A 1 15 ? -2.134  3.139   0.271   1.00 0.00 ? 15 G A C5     1 
ATOM 472  C C6     . G A 1 15 ? -2.779  4.272   0.839   1.00 0.00 ? 15 G A C6     1 
ATOM 473  O O6     . G A 1 15 ? -2.576  4.802   1.926   1.00 0.00 ? 15 G A O6     1 
ATOM 474  N N1     . G A 1 15 ? -3.743  4.786   -0.007  1.00 0.00 ? 15 G A N1     1 
ATOM 475  C C2     . G A 1 15 ? -4.057  4.283   -1.242  1.00 0.00 ? 15 G A C2     1 
ATOM 476  N N2     . G A 1 15 ? -5.010  4.906   -1.922  1.00 0.00 ? 15 G A N2     1 
ATOM 477  N N3     . G A 1 15 ? -3.464  3.223   -1.788  1.00 0.00 ? 15 G A N3     1 
ATOM 478  C C4     . G A 1 15 ? -2.513  2.702   -0.975  1.00 0.00 ? 15 G A C4     1 
ATOM 479  H "H5'"  . G A 1 15 ? 1.436   -1.666  -2.333  1.00 0.00 ? 15 G A "H5'"  1 
ATOM 480  H "H5''" . G A 1 15 ? 2.350   -0.554  -3.372  1.00 0.00 ? 15 G A "H5''" 1 
ATOM 481  H "H4'"  . G A 1 15 ? 0.035   -0.788  -4.159  1.00 0.00 ? 15 G A "H4'"  1 
ATOM 482  H "H3'"  . G A 1 15 ? 0.788   1.935   -2.982  1.00 0.00 ? 15 G A "H3'"  1 
ATOM 483  H "H2'"  . G A 1 15 ? -1.440  2.676   -3.532  1.00 0.00 ? 15 G A "H2'"  1 
ATOM 484  H "HO2'" . G A 1 15 ? -1.272  1.357   -5.613  1.00 0.00 ? 15 G A "HO2'" 1 
ATOM 485  H "H1'"  . G A 1 15 ? -2.759  0.432   -2.651  1.00 0.00 ? 15 G A "H1'"  1 
ATOM 486  H H8     . G A 1 15 ? -0.170  0.665   -0.086  1.00 0.00 ? 15 G A H8     1 
ATOM 487  H H1     . G A 1 15 ? -4.252  5.594   0.318   1.00 0.00 ? 15 G A H1     1 
ATOM 488  H H21    . G A 1 15 ? -5.482  5.702   -1.519  1.00 0.00 ? 15 G A H21    1 
ATOM 489  H H22    . G A 1 15 ? -5.262  4.583   -2.845  1.00 0.00 ? 15 G A H22    1 
ATOM 490  P P      . C A 1 16 ? 1.467   2.735   -5.514  1.00 0.00 ? 16 C A P      1 
ATOM 491  O OP1    . C A 1 16 ? 1.899   2.524   -6.914  1.00 0.00 ? 16 C A OP1    1 
ATOM 492  O OP2    . C A 1 16 ? 2.460   3.117   -4.484  1.00 0.00 ? 16 C A OP2    1 
ATOM 493  O "O5'"  . C A 1 16 ? 0.287   3.834   -5.508  1.00 0.00 ? 16 C A "O5'"  1 
ATOM 494  C "C5'"  . C A 1 16 ? -0.690  3.864   -6.556  1.00 0.00 ? 16 C A "C5'"  1 
ATOM 495  C "C4'"  . C A 1 16 ? -1.645  5.043   -6.403  1.00 0.00 ? 16 C A "C4'"  1 
ATOM 496  O "O4'"  . C A 1 16 ? -2.397  4.905   -5.191  1.00 0.00 ? 16 C A "O4'"  1 
ATOM 497  C "C3'"  . C A 1 16 ? -0.976  6.392   -6.241  1.00 0.00 ? 16 C A "C3'"  1 
ATOM 498  O "O3'"  . C A 1 16 ? -0.713  6.901   -7.555  1.00 0.00 ? 16 C A "O3'"  1 
ATOM 499  C "C2'"  . C A 1 16 ? -2.098  7.216   -5.633  1.00 0.00 ? 16 C A "C2'"  1 
ATOM 500  O "O2'"  . C A 1 16 ? -3.060  7.580   -6.629  1.00 0.00 ? 16 C A "O2'"  1 
ATOM 501  C "C1'"  . C A 1 16 ? -2.694  6.207   -4.644  1.00 0.00 ? 16 C A "C1'"  1 
ATOM 502  N N1     . C A 1 16 ? -2.093  6.309   -3.296  1.00 0.00 ? 16 C A N1     1 
ATOM 503  C C2     . C A 1 16 ? -2.657  7.211   -2.406  1.00 0.00 ? 16 C A C2     1 
ATOM 504  O O2     . C A 1 16 ? -3.624  7.889   -2.740  1.00 0.00 ? 16 C A O2     1 
ATOM 505  N N3     . C A 1 16 ? -2.122  7.326   -1.161  1.00 0.00 ? 16 C A N3     1 
ATOM 506  C C4     . C A 1 16 ? -1.070  6.583   -0.803  1.00 0.00 ? 16 C A C4     1 
ATOM 507  N N4     . C A 1 16 ? -0.595  6.740   0.429   1.00 0.00 ? 16 C A N4     1 
ATOM 508  C C5     . C A 1 16 ? -0.480  5.650   -1.712  1.00 0.00 ? 16 C A C5     1 
ATOM 509  C C6     . C A 1 16 ? -1.019  5.545   -2.941  1.00 0.00 ? 16 C A C6     1 
ATOM 510  H "H5'"  . C A 1 16 ? -1.263  2.937   -6.537  1.00 0.00 ? 16 C A "H5'"  1 
ATOM 511  H "H5''" . C A 1 16 ? -0.178  3.946   -7.516  1.00 0.00 ? 16 C A "H5''" 1 
ATOM 512  H "H4'"  . C A 1 16 ? -2.333  5.054   -7.249  1.00 0.00 ? 16 C A "H4'"  1 
ATOM 513  H "H3'"  . C A 1 16 ? -0.078  6.360   -5.623  1.00 0.00 ? 16 C A "H3'"  1 
ATOM 514  H "H2'"  . C A 1 16 ? -1.711  8.094   -5.116  1.00 0.00 ? 16 C A "H2'"  1 
ATOM 515  H "HO2'" . C A 1 16 ? -2.622  8.173   -7.243  1.00 0.00 ? 16 C A "HO2'" 1 
ATOM 516  H "H1'"  . C A 1 16 ? -3.774  6.328   -4.569  1.00 0.00 ? 16 C A "H1'"  1 
ATOM 517  H H41    . C A 1 16 ? -1.015  7.421   1.050   1.00 0.00 ? 16 C A H41    1 
ATOM 518  H H42    . C A 1 16 ? 0.184   6.180   0.746   1.00 0.00 ? 16 C A H42    1 
ATOM 519  H H5     . C A 1 16 ? 0.377   5.039   -1.428  1.00 0.00 ? 16 C A H5     1 
ATOM 520  H H6     . C A 1 16 ? -0.595  4.843   -3.659  1.00 0.00 ? 16 C A H6     1 
ATOM 521  P P      . G A 1 17 ? 0.580   7.820   -7.837  1.00 0.00 ? 17 G A P      1 
ATOM 522  O OP1    . G A 1 17 ? 0.838   7.824   -9.295  1.00 0.00 ? 17 G A OP1    1 
ATOM 523  O OP2    . G A 1 17 ? 1.652   7.415   -6.898  1.00 0.00 ? 17 G A OP2    1 
ATOM 524  O "O5'"  . G A 1 17 ? 0.067   9.286   -7.409  1.00 0.00 ? 17 G A "O5'"  1 
ATOM 525  C "C5'"  . G A 1 17 ? -0.846  10.013  -8.240  1.00 0.00 ? 17 G A "C5'"  1 
ATOM 526  C "C4'"  . G A 1 17 ? -1.395  11.245  -7.530  1.00 0.00 ? 17 G A "C4'"  1 
ATOM 527  O "O4'"  . G A 1 17 ? -2.100  10.844  -6.351  1.00 0.00 ? 17 G A "O4'"  1 
ATOM 528  C "C3'"  . G A 1 17 ? -0.341  12.200  -7.000  1.00 0.00 ? 17 G A "C3'"  1 
ATOM 529  O "O3'"  . G A 1 17 ? -0.029  13.117  -8.058  1.00 0.00 ? 17 G A "O3'"  1 
ATOM 530  C "C2'"  . G A 1 17 ? -1.115  12.962  -5.937  1.00 0.00 ? 17 G A "C2'"  1 
ATOM 531  O "O2'"  . G A 1 17 ? -1.957  13.952  -6.537  1.00 0.00 ? 17 G A "O2'"  1 
ATOM 532  C "C1'"  . G A 1 17 ? -1.959  11.840  -5.319  1.00 0.00 ? 17 G A "C1'"  1 
ATOM 533  N N9     . G A 1 17 ? -1.316  11.218  -4.144  1.00 0.00 ? 17 G A N9     1 
ATOM 534  C C8     . G A 1 17 ? -0.437  10.166  -4.104  1.00 0.00 ? 17 G A C8     1 
ATOM 535  N N7     . G A 1 17 ? -0.065  9.837   -2.897  1.00 0.00 ? 17 G A N7     1 
ATOM 536  C C5     . G A 1 17 ? -0.746  10.734  -2.081  1.00 0.00 ? 17 G A C5     1 
ATOM 537  C C6     . G A 1 17 ? -0.744  10.868  -0.664  1.00 0.00 ? 17 G A C6     1 
ATOM 538  O O6     . G A 1 17 ? -0.127  10.205  0.164   1.00 0.00 ? 17 G A O6     1 
ATOM 539  N N1     . G A 1 17 ? -1.567  11.897  -0.248  1.00 0.00 ? 17 G A N1     1 
ATOM 540  C C2     . G A 1 17 ? -2.303  12.701  -1.080  1.00 0.00 ? 17 G A C2     1 
ATOM 541  N N2     . G A 1 17 ? -3.034  13.648  -0.513  1.00 0.00 ? 17 G A N2     1 
ATOM 542  N N3     . G A 1 17 ? -2.317  12.589  -2.406  1.00 0.00 ? 17 G A N3     1 
ATOM 543  C C4     . G A 1 17 ? -1.516  11.586  -2.837  1.00 0.00 ? 17 G A C4     1 
ATOM 544  H "H5'"  . G A 1 17 ? -1.676  9.362   -8.515  1.00 0.00 ? 17 G A "H5'"  1 
ATOM 545  H "H5''" . G A 1 17 ? -0.328  10.329  -9.147  1.00 0.00 ? 17 G A "H5''" 1 
ATOM 546  H "H4'"  . G A 1 17 ? -2.083  11.765  -8.198  1.00 0.00 ? 17 G A "H4'"  1 
ATOM 547  H "H3'"  . G A 1 17 ? 0.546   11.697  -6.614  1.00 0.00 ? 17 G A "H3'"  1 
ATOM 548  H "H2'"  . G A 1 17 ? -0.448  13.405  -5.198  1.00 0.00 ? 17 G A "H2'"  1 
ATOM 549  H "HO2'" . G A 1 17 ? -1.410  14.462  -7.140  1.00 0.00 ? 17 G A "HO2'" 1 
ATOM 550  H "H1'"  . G A 1 17 ? -2.945  12.210  -5.037  1.00 0.00 ? 17 G A "H1'"  1 
ATOM 551  H H8     . G A 1 17 ? -0.085  9.647   -4.997  1.00 0.00 ? 17 G A H8     1 
ATOM 552  H H1     . G A 1 17 ? -1.625  12.062  0.745   1.00 0.00 ? 17 G A H1     1 
ATOM 553  H H21    . G A 1 17 ? -3.096  13.706  0.491   1.00 0.00 ? 17 G A H21    1 
ATOM 554  H H22    . G A 1 17 ? -3.529  14.312  -1.088  1.00 0.00 ? 17 G A H22    1 
ATOM 555  P P      . C A 1 18 ? 1.464   13.694  -8.239  1.00 0.00 ? 18 C A P      1 
ATOM 556  O OP1    . C A 1 18 ? 1.580   14.264  -9.601  1.00 0.00 ? 18 C A OP1    1 
ATOM 557  O OP2    . C A 1 18 ? 2.420   12.660  -7.787  1.00 0.00 ? 18 C A OP2    1 
ATOM 558  O "O5'"  . C A 1 18 ? 1.501   14.907  -7.178  1.00 0.00 ? 18 C A "O5'"  1 
ATOM 559  C "C5'"  . C A 1 18 ? 0.880   16.165  -7.475  1.00 0.00 ? 18 C A "C5'"  1 
ATOM 560  C "C4'"  . C A 1 18 ? 1.031   17.150  -6.321  1.00 0.00 ? 18 C A "C4'"  1 
ATOM 561  O "O4'"  . C A 1 18 ? 0.377   16.620  -5.161  1.00 0.00 ? 18 C A "O4'"  1 
ATOM 562  C "C3'"  . C A 1 18 ? 2.461   17.377  -5.866  1.00 0.00 ? 18 C A "C3'"  1 
ATOM 563  O "O3'"  . C A 1 18 ? 2.970   18.490  -6.614  1.00 0.00 ? 18 C A "O3'"  1 
ATOM 564  C "C2'"  . C A 1 18 ? 2.276   17.828  -4.426  1.00 0.00 ? 18 C A "C2'"  1 
ATOM 565  O "O2'"  . C A 1 18 ? 1.885   19.204  -4.368  1.00 0.00 ? 18 C A "O2'"  1 
ATOM 566  C "C1'"  . C A 1 18 ? 1.128   16.925  -3.971  1.00 0.00 ? 18 C A "C1'"  1 
ATOM 567  N N1     . C A 1 18 ? 1.595   15.654  -3.369  1.00 0.00 ? 18 C A N1     1 
ATOM 568  C C2     . C A 1 18 ? 1.874   15.646  -2.009  1.00 0.00 ? 18 C A C2     1 
ATOM 569  O O2     . C A 1 18 ? 1.758   16.672  -1.344  1.00 0.00 ? 18 C A O2     1 
ATOM 570  N N3     . C A 1 18 ? 2.279   14.482  -1.431  1.00 0.00 ? 18 C A N3     1 
ATOM 571  C C4     . C A 1 18 ? 2.407   13.369  -2.159  1.00 0.00 ? 18 C A C4     1 
ATOM 572  N N4     . C A 1 18 ? 2.801   12.264  -1.534  1.00 0.00 ? 18 C A N4     1 
ATOM 573  C C5     . C A 1 18 ? 2.124   13.367  -3.562  1.00 0.00 ? 18 C A C5     1 
ATOM 574  C C6     . C A 1 18 ? 1.724   14.523  -4.122  1.00 0.00 ? 18 C A C6     1 
ATOM 575  H "H5'"  . C A 1 18 ? -0.180  16.004  -7.669  1.00 0.00 ? 18 C A "H5'"  1 
ATOM 576  H "H5''" . C A 1 18 ? 1.345   16.589  -8.367  1.00 0.00 ? 18 C A "H5''" 1 
ATOM 577  H "H4'"  . C A 1 18 ? 0.561   18.094  -6.595  1.00 0.00 ? 18 C A "H4'"  1 
ATOM 578  H "H3'"  . C A 1 18 ? 3.093   16.492  -5.963  1.00 0.00 ? 18 C A "H3'"  1 
ATOM 579  H "H2'"  . C A 1 18 ? 3.172   17.648  -3.835  1.00 0.00 ? 18 C A "H2'"  1 
ATOM 580  H "HO2'" . C A 1 18 ? 2.660   19.731  -4.586  1.00 0.00 ? 18 C A "HO2'" 1 
ATOM 581  H "H1'"  . C A 1 18 ? 0.485   17.445  -3.263  1.00 0.00 ? 18 C A "H1'"  1 
ATOM 582  H H41    . C A 1 18 ? 3.006   12.290  -0.543  1.00 0.00 ? 18 C A H41    1 
ATOM 583  H H42    . C A 1 18 ? 2.892   11.398  -2.045  1.00 0.00 ? 18 C A H42    1 
ATOM 584  H H5     . C A 1 18 ? 2.228   12.466  -4.164  1.00 0.00 ? 18 C A H5     1 
ATOM 585  H H6     . C A 1 18 ? 1.493   14.554  -5.187  1.00 0.00 ? 18 C A H6     1 
ATOM 586  P P      . C A 1 19 ? 4.540   18.612  -6.958  1.00 0.00 ? 19 C A P      1 
ATOM 587  O OP1    . C A 1 19 ? 4.690   19.450  -8.168  1.00 0.00 ? 19 C A OP1    1 
ATOM 588  O OP2    . C A 1 19 ? 5.130   17.253  -6.923  1.00 0.00 ? 19 C A OP2    1 
ATOM 589  O "O5'"  . C A 1 19 ? 5.114   19.436  -5.696  1.00 0.00 ? 19 C A "O5'"  1 
ATOM 590  C "C5'"  . C A 1 19 ? 4.833   20.834  -5.533  1.00 0.00 ? 19 C A "C5'"  1 
ATOM 591  C "C4'"  . C A 1 19 ? 5.175   21.307  -4.124  1.00 0.00 ? 19 C A "C4'"  1 
ATOM 592  O "O4'"  . C A 1 19 ? 4.408   20.548  -3.181  1.00 0.00 ? 19 C A "O4'"  1 
ATOM 593  C "C3'"  . C A 1 19 ? 6.618   21.068  -3.710  1.00 0.00 ? 19 C A "C3'"  1 
ATOM 594  O "O3'"  . C A 1 19 ? 7.352   22.262  -4.018  1.00 0.00 ? 19 C A "O3'"  1 
ATOM 595  C "C2'"  . C A 1 19 ? 6.519   20.971  -2.195  1.00 0.00 ? 19 C A "C2'"  1 
ATOM 596  O "O2'"  . C A 1 19 ? 6.426   22.272  -1.606  1.00 0.00 ? 19 C A "O2'"  1 
ATOM 597  C "C1'"  . C A 1 19 ? 5.200   20.211  -2.029  1.00 0.00 ? 19 C A "C1'"  1 
ATOM 598  N N1     . C A 1 19 ? 5.388   18.744  -2.010  1.00 0.00 ? 19 C A N1     1 
ATOM 599  C C2     . C A 1 19 ? 5.495   18.117  -0.779  1.00 0.00 ? 19 C A C2     1 
ATOM 600  O O2     . C A 1 19 ? 5.456   18.772  0.260   1.00 0.00 ? 19 C A O2     1 
ATOM 601  N N3     . C A 1 19 ? 5.650   16.768  -0.745  1.00 0.00 ? 19 C A N3     1 
ATOM 602  C C4     . C A 1 19 ? 5.700   16.057  -1.878  1.00 0.00 ? 19 C A C4     1 
ATOM 603  N N4     . C A 1 19 ? 5.846   14.739  -1.777  1.00 0.00 ? 19 C A N4     1 
ATOM 604  C C5     . C A 1 19 ? 5.593   16.694  -3.150  1.00 0.00 ? 19 C A C5     1 
ATOM 605  C C6     . C A 1 19 ? 5.439   18.028  -3.172  1.00 0.00 ? 19 C A C6     1 
ATOM 606  H "H5'"  . C A 1 19 ? 3.774   21.011  -5.721  1.00 0.00 ? 19 C A "H5'"  1 
ATOM 607  H "H5''" . C A 1 19 ? 5.422   21.403  -6.253  1.00 0.00 ? 19 C A "H5''" 1 
ATOM 608  H "H4'"  . C A 1 19 ? 4.916   22.362  -4.028  1.00 0.00 ? 19 C A "H4'"  1 
ATOM 609  H "H3'"  . C A 1 19 ? 7.061   20.184  -4.170  1.00 0.00 ? 19 C A "H3'"  1 
ATOM 610  H "H2'"  . C A 1 19 ? 7.353   20.407  -1.778  1.00 0.00 ? 19 C A "H2'"  1 
ATOM 611  H "HO2'" . C A 1 19 ? 7.163   22.787  -1.944  1.00 0.00 ? 19 C A "HO2'" 1 
ATOM 612  H "H1'"  . C A 1 19 ? 4.680   20.523  -1.124  1.00 0.00 ? 19 C A "H1'"  1 
ATOM 613  H H41    . C A 1 19 ? 5.841   14.301  -0.868  1.00 0.00 ? 19 C A H41    1 
ATOM 614  H H42    . C A 1 19 ? 5.959   14.179  -2.609  1.00 0.00 ? 19 C A H42    1 
ATOM 615  H H5     . C A 1 19 ? 5.636   16.125  -4.079  1.00 0.00 ? 19 C A H5     1 
ATOM 616  H H6     . C A 1 19 ? 5.339   18.543  -4.127  1.00 0.00 ? 19 C A H6     1 
ATOM 617  P P      . A A 1 20 ? 8.934   22.206  -4.321  1.00 0.00 ? 20 A A P      1 
ATOM 618  O OP1    . A A 1 20 ? 9.393   23.578  -4.638  1.00 0.00 ? 20 A A OP1    1 
ATOM 619  O OP2    . A A 1 20 ? 9.182   21.106  -5.281  1.00 0.00 ? 20 A A OP2    1 
ATOM 620  O "O5'"  . A A 1 20 ? 9.551   21.785  -2.893  1.00 0.00 ? 20 A A "O5'"  1 
ATOM 621  C "C5'"  . A A 1 20 ? 10.426  20.656  -2.777  1.00 0.00 ? 20 A A "C5'"  1 
ATOM 622  C "C4'"  . A A 1 20 ? 11.035  20.559  -1.382  1.00 0.00 ? 20 A A "C4'"  1 
ATOM 623  O "O4'"  . A A 1 20 ? 10.005  20.264  -0.428  1.00 0.00 ? 20 A A "O4'"  1 
ATOM 624  C "C3'"  . A A 1 20 ? 12.010  19.414  -1.189  1.00 0.00 ? 20 A A "C3'"  1 
ATOM 625  O "O3'"  . A A 1 20 ? 13.312  19.865  -1.589  1.00 0.00 ? 20 A A "O3'"  1 
ATOM 626  C "C2'"  . A A 1 20 ? 12.017  19.274  0.320   1.00 0.00 ? 20 A A "C2'"  1 
ATOM 627  O "O2'"  . A A 1 20 ? 12.747  20.343  0.929   1.00 0.00 ? 20 A A "O2'"  1 
ATOM 628  C "C1'"  . A A 1 20 ? 10.526  19.406  0.610   1.00 0.00 ? 20 A A "C1'"  1 
ATOM 629  N N9     . A A 1 20 ? 9.835   18.108  0.541   1.00 0.00 ? 20 A A N9     1 
ATOM 630  C C8     . A A 1 20 ? 8.912   17.682  -0.374  1.00 0.00 ? 20 A A C8     1 
ATOM 631  N N7     . A A 1 20 ? 8.485   16.467  -0.158  1.00 0.00 ? 20 A A N7     1 
ATOM 632  C C5     . A A 1 20 ? 9.186   16.068  0.978   1.00 0.00 ? 20 A A C5     1 
ATOM 633  C C6     . A A 1 20 ? 9.197   14.878  1.725   1.00 0.00 ? 20 A A C6     1 
ATOM 634  N N6     . A A 1 20 ? 8.465   13.812  1.422   1.00 0.00 ? 20 A A N6     1 
ATOM 635  N N1     . A A 1 20 ? 10.008  14.815  2.788   1.00 0.00 ? 20 A A N1     1 
ATOM 636  C C2     . A A 1 20 ? 10.760  15.868  3.089   1.00 0.00 ? 20 A A C2     1 
ATOM 637  N N3     . A A 1 20 ? 10.840  17.036  2.474   1.00 0.00 ? 20 A A N3     1 
ATOM 638  C C4     . A A 1 20 ? 10.011  17.063  1.410   1.00 0.00 ? 20 A A C4     1 
ATOM 639  H "H5'"  . A A 1 20 ? 11.231  20.753  -3.508  1.00 0.00 ? 20 A A "H5'"  1 
ATOM 640  H "H5''" . A A 1 20 ? 9.865   19.746  -2.985  1.00 0.00 ? 20 A A "H5''" 1 
ATOM 641  H "H4'"  . A A 1 20 ? 11.500  21.509  -1.125  1.00 0.00 ? 20 A A "H4'"  1 
ATOM 642  H "H3'"  . A A 1 20 ? 11.704  18.502  -1.704  1.00 0.00 ? 20 A A "H3'"  1 
ATOM 643  H "H2'"  . A A 1 20 ? 12.395  18.304  0.633   1.00 0.00 ? 20 A A "H2'"  1 
ATOM 644  H "HO2'" . A A 1 20 ? 13.538  20.482  0.402   1.00 0.00 ? 20 A A "HO2'" 1 
ATOM 645  H "H1'"  . A A 1 20 ? 10.353  19.857  1.580   1.00 0.00 ? 20 A A "H1'"  1 
ATOM 646  H H8     . A A 1 20 ? 8.596   18.288  -1.221  1.00 0.00 ? 20 A A H8     1 
ATOM 647  H H61    . A A 1 20 ? 8.495   12.995  2.018   1.00 0.00 ? 20 A A H61    1 
ATOM 648  H H62    . A A 1 20 ? 7.882   13.815  0.601   1.00 0.00 ? 20 A A H62    1 
ATOM 649  H H2     . A A 1 20 ? 11.414  15.747  3.952   1.00 0.00 ? 20 A A H2     1 
ATOM 650  P P      . C A 1 21 ? 14.500  18.810  -1.858  1.00 0.00 ? 21 C A P      1 
ATOM 651  O OP1    . C A 1 21 ? 15.786  19.546  -1.848  1.00 0.00 ? 21 C A OP1    1 
ATOM 652  O OP2    . C A 1 21 ? 14.130  17.987  -3.029  1.00 0.00 ? 21 C A OP2    1 
ATOM 653  O "O5'"  . C A 1 21 ? 14.439  17.869  -0.547  1.00 0.00 ? 21 C A "O5'"  1 
ATOM 654  C "C5'"  . C A 1 21 ? 15.465  17.910  0.457   1.00 0.00 ? 21 C A "C5'"  1 
ATOM 655  C "C4'"  . C A 1 21 ? 15.582  16.572  1.185   1.00 0.00 ? 21 C A "C4'"  1 
ATOM 656  O "O4'"  . C A 1 21 ? 14.328  16.264  1.813   1.00 0.00 ? 21 C A "O4'"  1 
ATOM 657  C "C3'"  . C A 1 21 ? 15.824  15.381  0.273   1.00 0.00 ? 21 C A "C3'"  1 
ATOM 658  O "O3'"  . C A 1 21 ? 17.239  15.207  0.145   1.00 0.00 ? 21 C A "O3'"  1 
ATOM 659  C "C2'"  . C A 1 21 ? 15.292  14.230  1.100   1.00 0.00 ? 21 C A "C2'"  1 
ATOM 660  O "O2'"  . C A 1 21 ? 16.210  13.889  2.145   1.00 0.00 ? 21 C A "O2'"  1 
ATOM 661  C "C1'"  . C A 1 21 ? 14.029  14.860  1.673   1.00 0.00 ? 21 C A "C1'"  1 
ATOM 662  N N1     . C A 1 21 ? 12.877  14.734  0.756   1.00 0.00 ? 21 C A N1     1 
ATOM 663  C C2     . C A 1 21 ? 12.167  13.542  0.753   1.00 0.00 ? 21 C A C2     1 
ATOM 664  O O2     . C A 1 21 ? 12.499  12.619  1.493   1.00 0.00 ? 21 C A O2     1 
ATOM 665  N N3     . C A 1 21 ? 11.107  13.419  -0.091  1.00 0.00 ? 21 C A N3     1 
ATOM 666  C C4     . C A 1 21 ? 10.756  14.425  -0.897  1.00 0.00 ? 21 C A C4     1 
ATOM 667  N N4     . C A 1 21 ? 9.711   14.239  -1.700  1.00 0.00 ? 21 C A N4     1 
ATOM 668  C C5     . C A 1 21 ? 11.481  15.656  -0.898  1.00 0.00 ? 21 C A C5     1 
ATOM 669  C C6     . C A 1 21 ? 12.526  15.763  -0.065  1.00 0.00 ? 21 C A C6     1 
ATOM 670  H "H5'"  . C A 1 21 ? 15.227  18.690  1.181   1.00 0.00 ? 21 C A "H5'"  1 
ATOM 671  H "H5''" . C A 1 21 ? 16.420  18.142  -0.017  1.00 0.00 ? 21 C A "H5''" 1 
ATOM 672  H "H4'"  . C A 1 21 ? 16.359  16.643  1.946   1.00 0.00 ? 21 C A "H4'"  1 
ATOM 673  H "H3'"  . C A 1 21 ? 15.328  15.474  -0.692  1.00 0.00 ? 21 C A "H3'"  1 
ATOM 674  H "H2'"  . C A 1 21 ? 15.059  13.367  0.481   1.00 0.00 ? 21 C A "H2'"  1 
ATOM 675  H "HO2'" . C A 1 21 ? 17.088  13.858  1.752   1.00 0.00 ? 21 C A "HO2'" 1 
ATOM 676  H "H1'"  . C A 1 21 ? 13.777  14.434  2.641   1.00 0.00 ? 21 C A "H1'"  1 
ATOM 677  H H41    . C A 1 21 ? 9.237   13.348  -1.708  1.00 0.00 ? 21 C A H41    1 
ATOM 678  H H42    . C A 1 21 ? 9.393   14.987  -2.297  1.00 0.00 ? 21 C A H42    1 
ATOM 679  H H5     . C A 1 21 ? 11.185  16.498  -1.523  1.00 0.00 ? 21 C A H5     1 
ATOM 680  H H6     . C A 1 21 ? 13.110  16.684  -0.050  1.00 0.00 ? 21 C A H6     1 
ATOM 681  P P      . U A 1 22 ? 18.000  15.670  -1.198  1.00 0.00 ? 22 U A P      1 
ATOM 682  O OP1    . U A 1 22 ? 18.456  17.065  -1.011  1.00 0.00 ? 22 U A OP1    1 
ATOM 683  O OP2    . U A 1 22 ? 17.145  15.322  -2.358  1.00 0.00 ? 22 U A OP2    1 
ATOM 684  O "O5'"  . U A 1 22 ? 19.299  14.713  -1.214  1.00 0.00 ? 22 U A "O5'"  1 
ATOM 685  C "C5'"  . U A 1 22 ? 19.276  13.438  -1.873  1.00 0.00 ? 22 U A "C5'"  1 
ATOM 686  C "C4'"  . U A 1 22 ? 18.794  12.324  -0.944  1.00 0.00 ? 22 U A "C4'"  1 
ATOM 687  O "O4'"  . U A 1 22 ? 17.389  12.477  -0.705  1.00 0.00 ? 22 U A "O4'"  1 
ATOM 688  C "C3'"  . U A 1 22 ? 18.948  10.907  -1.517  1.00 0.00 ? 22 U A "C3'"  1 
ATOM 689  O "O3'"  . U A 1 22 ? 19.655  10.136  -0.534  1.00 0.00 ? 22 U A "O3'"  1 
ATOM 690  C "C2'"  . U A 1 22 ? 17.525  10.353  -1.594  1.00 0.00 ? 22 U A "C2'"  1 
ATOM 691  O "O2'"  . U A 1 22 ? 17.488  8.968   -1.242  1.00 0.00 ? 22 U A "O2'"  1 
ATOM 692  C "C1'"  . U A 1 22 ? 16.811  11.185  -0.549  1.00 0.00 ? 22 U A "C1'"  1 
ATOM 693  N N1     . U A 1 22 ? 15.359  11.255  -0.806  1.00 0.00 ? 22 U A N1     1 
ATOM 694  C C2     . U A 1 22 ? 14.566  10.248  -0.285  1.00 0.00 ? 22 U A C2     1 
ATOM 695  O O2     . U A 1 22 ? 15.014  9.346   0.414   1.00 0.00 ? 22 U A O2     1 
ATOM 696  N N3     . U A 1 22 ? 13.229  10.309  -0.601  1.00 0.00 ? 22 U A N3     1 
ATOM 697  C C4     . U A 1 22 ? 12.620  11.267  -1.379  1.00 0.00 ? 22 U A C4     1 
ATOM 698  O O4     . U A 1 22 ? 11.418  11.188  -1.615  1.00 0.00 ? 22 U A O4     1 
ATOM 699  C C5     . U A 1 22 ? 13.506  12.291  -1.882  1.00 0.00 ? 22 U A C5     1 
ATOM 700  C C6     . U A 1 22 ? 14.829  12.249  -1.580  1.00 0.00 ? 22 U A C6     1 
ATOM 701  H "H5'"  . U A 1 22 ? 20.286  13.202  -2.211  1.00 0.00 ? 22 U A "H5'"  1 
ATOM 702  H "H5''" . U A 1 22 ? 18.615  13.493  -2.736  1.00 0.00 ? 22 U A "H5''" 1 
ATOM 703  H "H4'"  . U A 1 22 ? 19.324  12.408  0.006   1.00 0.00 ? 22 U A "H4'"  1 
ATOM 704  H "H3'"  . U A 1 22 ? 19.458  10.890  -2.479  1.00 0.00 ? 22 U A "H3'"  1 
ATOM 705  H "H2'"  . U A 1 22 ? 17.096  10.523  -2.582  1.00 0.00 ? 22 U A "H2'"  1 
ATOM 706  H "HO2'" . U A 1 22 ? 18.322  8.576   -1.517  1.00 0.00 ? 22 U A "HO2'" 1 
ATOM 707  H "H1'"  . U A 1 22 ? 16.996  10.810  0.459   1.00 0.00 ? 22 U A "H1'"  1 
ATOM 708  H H3     . U A 1 22 ? 12.641  9.585   -0.223  1.00 0.00 ? 22 U A H3     1 
ATOM 709  H H5     . U A 1 22 ? 13.113  13.100  -2.497  1.00 0.00 ? 22 U A H5     1 
ATOM 710  H H6     . U A 1 22 ? 15.487  13.031  -1.956  1.00 0.00 ? 22 U A H6     1 
ATOM 711  P P      . C A 1 23 ? 21.037  9.390   -0.902  1.00 0.00 ? 23 C A P      1 
ATOM 712  O OP1    . C A 1 23 ? 21.773  9.132   0.358   1.00 0.00 ? 23 C A OP1    1 
ATOM 713  O OP2    . C A 1 23 ? 21.694  10.141  -1.996  1.00 0.00 ? 23 C A OP2    1 
ATOM 714  O "O5'"  . C A 1 23 ? 20.534  7.975   -1.488  1.00 0.00 ? 23 C A "O5'"  1 
ATOM 715  C "C5'"  . C A 1 23 ? 20.023  7.860   -2.823  1.00 0.00 ? 23 C A "C5'"  1 
ATOM 716  C "C4'"  . C A 1 23 ? 19.180  6.599   -2.984  1.00 0.00 ? 23 C A "C4'"  1 
ATOM 717  O "O4'"  . C A 1 23 ? 18.042  6.684   -2.134  1.00 0.00 ? 23 C A "O4'"  1 
ATOM 718  C "C3'"  . C A 1 23 ? 18.558  6.400   -4.352  1.00 0.00 ? 23 C A "C3'"  1 
ATOM 719  O "O3'"  . C A 1 23 ? 19.515  5.700   -5.164  1.00 0.00 ? 23 C A "O3'"  1 
ATOM 720  C "C2'"  . C A 1 23 ? 17.413  5.435   -4.052  1.00 0.00 ? 23 C A "C2'"  1 
ATOM 721  O "O2'"  . C A 1 23 ? 17.875  4.084   -4.098  1.00 0.00 ? 23 C A "O2'"  1 
ATOM 722  C "C1'"  . C A 1 23 ? 17.013  5.810   -2.618  1.00 0.00 ? 23 C A "C1'"  1 
ATOM 723  N N1     . C A 1 23 ? 15.716  6.517   -2.567  1.00 0.00 ? 23 C A N1     1 
ATOM 724  C C2     . C A 1 23 ? 14.622  5.824   -2.069  1.00 0.00 ? 23 C A C2     1 
ATOM 725  O O2     . C A 1 23 ? 14.744  4.663   -1.683  1.00 0.00 ? 23 C A O2     1 
ATOM 726  N N3     . C A 1 23 ? 13.416  6.451   -2.025  1.00 0.00 ? 23 C A N3     1 
ATOM 727  C C4     . C A 1 23 ? 13.289  7.711   -2.453  1.00 0.00 ? 23 C A C4     1 
ATOM 728  N N4     . C A 1 23 ? 12.081  8.267   -2.383  1.00 0.00 ? 23 C A N4     1 
ATOM 729  C C5     . C A 1 23 ? 14.410  8.433   -2.967  1.00 0.00 ? 23 C A C5     1 
ATOM 730  C C6     . C A 1 23 ? 15.599  7.802   -3.006  1.00 0.00 ? 23 C A C6     1 
ATOM 731  H "H5'"  . C A 1 23 ? 20.858  7.823   -3.524  1.00 0.00 ? 23 C A "H5'"  1 
ATOM 732  H "H5''" . C A 1 23 ? 19.407  8.731   -3.048  1.00 0.00 ? 23 C A "H5''" 1 
ATOM 733  H "H4'"  . C A 1 23 ? 19.777  5.730   -2.700  1.00 0.00 ? 23 C A "H4'"  1 
ATOM 734  H "H3'"  . C A 1 23 ? 18.229  7.327   -4.818  1.00 0.00 ? 23 C A "H3'"  1 
ATOM 735  H "H2'"  . C A 1 23 ? 16.581  5.594   -4.738  1.00 0.00 ? 23 C A "H2'"  1 
ATOM 736  H "HO2'" . C A 1 23 ? 17.152  3.519   -3.813  1.00 0.00 ? 23 C A "HO2'" 1 
ATOM 737  H "H1'"  . C A 1 23 ? 16.966  4.924   -1.983  1.00 0.00 ? 23 C A "H1'"  1 
ATOM 738  H H41    . C A 1 23 ? 11.304  7.736   -2.018  1.00 0.00 ? 23 C A H41    1 
ATOM 739  H H42    . C A 1 23 ? 11.941  9.217   -2.695  1.00 0.00 ? 23 C A H42    1 
ATOM 740  H H5     . C A 1 23 ? 14.318  9.461   -3.317  1.00 0.00 ? 23 C A H5     1 
ATOM 741  H H6     . C A 1 23 ? 16.474  8.323   -3.392  1.00 0.00 ? 23 C A H6     1 
ATOM 742  P P      . A A 1 24 ? 19.160  5.260   -6.679  1.00 0.00 ? 24 A A P      1 
ATOM 743  O OP1    . A A 1 24 ? 20.393  5.370   -7.493  1.00 0.00 ? 24 A A OP1    1 
ATOM 744  O OP2    . A A 1 24 ? 17.936  5.983   -7.099  1.00 0.00 ? 24 A A OP2    1 
ATOM 745  O "O5'"  . A A 1 24 ? 18.791  3.696   -6.532  1.00 0.00 ? 24 A A "O5'"  1 
ATOM 746  C "C5'"  . A A 1 24 ? 19.724  2.776   -5.950  1.00 0.00 ? 24 A A "C5'"  1 
ATOM 747  C "C4'"  . A A 1 24 ? 19.072  1.436   -5.603  1.00 0.00 ? 24 A A "C4'"  1 
ATOM 748  O "O4'"  . A A 1 24 ? 17.913  1.672   -4.782  1.00 0.00 ? 24 A A "O4'"  1 
ATOM 749  C "C3'"  . A A 1 24 ? 18.554  0.634   -6.799  1.00 0.00 ? 24 A A "C3'"  1 
ATOM 750  O "O3'"  . A A 1 24 ? 18.609  -0.747  -6.399  1.00 0.00 ? 24 A A "O3'"  1 
ATOM 751  C "C2'"  . A A 1 24 ? 17.089  1.057   -6.885  1.00 0.00 ? 24 A A "C2'"  1 
ATOM 752  O "O2'"  . A A 1 24 ? 16.287  0.069   -7.540  1.00 0.00 ? 24 A A "O2'"  1 
ATOM 753  C "C1'"  . A A 1 24 ? 16.736  1.150   -5.409  1.00 0.00 ? 24 A A "C1'"  1 
ATOM 754  N N9     . A A 1 24 ? 15.608  2.068   -5.155  1.00 0.00 ? 24 A A N9     1 
ATOM 755  C C8     . A A 1 24 ? 15.509  3.406   -5.447  1.00 0.00 ? 24 A A C8     1 
ATOM 756  N N7     . A A 1 24 ? 14.370  3.934   -5.093  1.00 0.00 ? 24 A A N7     1 
ATOM 757  C C5     . A A 1 24 ? 13.670  2.871   -4.530  1.00 0.00 ? 24 A A C5     1 
ATOM 758  C C6     . A A 1 24 ? 12.393  2.768   -3.959  1.00 0.00 ? 24 A A C6     1 
ATOM 759  N N6     . A A 1 24 ? 11.550  3.791   -3.848  1.00 0.00 ? 24 A A N6     1 
ATOM 760  N N1     . A A 1 24 ? 12.007  1.570   -3.498  1.00 0.00 ? 24 A A N1     1 
ATOM 761  C C2     . A A 1 24 ? 12.841  0.542   -3.598  1.00 0.00 ? 24 A A C2     1 
ATOM 762  N N3     . A A 1 24 ? 14.063  0.507   -4.110  1.00 0.00 ? 24 A A N3     1 
ATOM 763  C C4     . A A 1 24 ? 14.417  1.728   -4.564  1.00 0.00 ? 24 A A C4     1 
ATOM 764  H "H5'"  . A A 1 24 ? 20.132  3.214   -5.039  1.00 0.00 ? 24 A A "H5'"  1 
ATOM 765  H "H5''" . A A 1 24 ? 20.539  2.601   -6.654  1.00 0.00 ? 24 A A "H5''" 1 
ATOM 766  H "H4'"  . A A 1 24 ? 19.785  0.842   -5.033  1.00 0.00 ? 24 A A "H4'"  1 
ATOM 767  H "H3'"  . A A 1 24 ? 19.114  0.814   -7.717  1.00 0.00 ? 24 A A "H3'"  1 
ATOM 768  H "H2'"  . A A 1 24 ? 16.995  2.028   -7.369  1.00 0.00 ? 24 A A "H2'"  1 
ATOM 769  H "HO2'" . A A 1 24 ? 16.141  -0.647  -6.913  1.00 0.00 ? 24 A A "HO2'" 1 
ATOM 770  H "H1'"  . A A 1 24 ? 16.508  0.165   -4.997  1.00 0.00 ? 24 A A "H1'"  1 
ATOM 771  H H8     . A A 1 24 ? 16.307  3.974   -5.924  1.00 0.00 ? 24 A A H8     1 
ATOM 772  H H61    . A A 1 24 ? 10.636  3.650   -3.447  1.00 0.00 ? 24 A A H61    1 
ATOM 773  H H62    . A A 1 24 ? 11.827  4.709   -4.164  1.00 0.00 ? 24 A A H62    1 
ATOM 774  H H2     . A A 1 24 ? 12.470  -0.405  -3.206  1.00 0.00 ? 24 A A H2     1 
ATOM 775  P P      . A A 1 25 ? 18.217  -1.946  -7.404  1.00 0.00 ? 25 A A P      1 
ATOM 776  O OP1    . A A 1 25 ? 19.160  -3.066  -7.177  1.00 0.00 ? 25 A A OP1    1 
ATOM 777  O OP2    . A A 1 25 ? 18.046  -1.394  -8.766  1.00 0.00 ? 25 A A OP2    1 
ATOM 778  O "O5'"  . A A 1 25 ? 16.773  -2.383  -6.836  1.00 0.00 ? 25 A A "O5'"  1 
ATOM 779  C "C5'"  . A A 1 25 ? 15.836  -3.098  -7.648  1.00 0.00 ? 25 A A "C5'"  1 
ATOM 780  C "C4'"  . A A 1 25 ? 14.567  -3.420  -6.867  1.00 0.00 ? 25 A A "C4'"  1 
ATOM 781  O "O4'"  . A A 1 25 ? 13.953  -2.191  -6.446  1.00 0.00 ? 25 A A "O4'"  1 
ATOM 782  C "C3'"  . A A 1 25 ? 13.487  -4.149  -7.666  1.00 0.00 ? 25 A A "C3'"  1 
ATOM 783  O "O3'"  . A A 1 25 ? 12.705  -4.893  -6.722  1.00 0.00 ? 25 A A "O3'"  1 
ATOM 784  C "C2'"  . A A 1 25 ? 12.620  -3.013  -8.192  1.00 0.00 ? 25 A A "C2'"  1 
ATOM 785  O "O2'"  . A A 1 25 ? 11.293  -3.468  -8.465  1.00 0.00 ? 25 A A "O2'"  1 
ATOM 786  C "C1'"  . A A 1 25 ? 12.637  -2.064  -6.999  1.00 0.00 ? 25 A A "C1'"  1 
ATOM 787  N N9     . A A 1 25 ? 12.421  -0.658  -7.389  1.00 0.00 ? 25 A A N9     1 
ATOM 788  C C8     . A A 1 25 ? 13.326  0.236   -7.904  1.00 0.00 ? 25 A A C8     1 
ATOM 789  N N7     . A A 1 25 ? 12.817  1.413   -8.144  1.00 0.00 ? 25 A A N7     1 
ATOM 790  C C5     . A A 1 25 ? 11.485  1.283   -7.763  1.00 0.00 ? 25 A A C5     1 
ATOM 791  C C6     . A A 1 25 ? 10.401  2.175   -7.769  1.00 0.00 ? 25 A A C6     1 
ATOM 792  N N6     . A A 1 25 ? 10.484  3.434   -8.189  1.00 0.00 ? 25 A A N6     1 
ATOM 793  N N1     . A A 1 25 ? 9.218   1.726   -7.324  1.00 0.00 ? 25 A A N1     1 
ATOM 794  C C2     . A A 1 25 ? 9.122   0.471   -6.903  1.00 0.00 ? 25 A A C2     1 
ATOM 795  N N3     . A A 1 25 ? 10.059  -0.463  -6.848  1.00 0.00 ? 25 A A N3     1 
ATOM 796  C C4     . A A 1 25 ? 11.234  0.023   -7.301  1.00 0.00 ? 25 A A C4     1 
ATOM 797  H "H5'"  . A A 1 25 ? 16.293  -4.029  -7.988  1.00 0.00 ? 25 A A "H5'"  1 
ATOM 798  H "H5''" . A A 1 25 ? 15.578  -2.489  -8.515  1.00 0.00 ? 25 A A "H5''" 1 
ATOM 799  H "H4'"  . A A 1 25 ? 14.838  -3.998  -5.983  1.00 0.00 ? 25 A A "H4'"  1 
ATOM 800  H "H3'"  . A A 1 25 ? 13.891  -4.789  -8.451  1.00 0.00 ? 25 A A "H3'"  1 
ATOM 801  H "H2'"  . A A 1 25 ? 13.071  -2.551  -9.069  1.00 0.00 ? 25 A A "H2'"  1 
ATOM 802  H "HO2'" . A A 1 25 ? 11.367  -4.318  -8.907  1.00 0.00 ? 25 A A "HO2'" 1 
ATOM 803  H "H1'"  . A A 1 25 ? 11.897  -2.356  -6.254  1.00 0.00 ? 25 A A "H1'"  1 
ATOM 804  H H8     . A A 1 25 ? 14.371  -0.013  -8.091  1.00 0.00 ? 25 A A H8     1 
ATOM 805  H H61    . A A 1 25 ? 9.667   4.025   -8.177  1.00 0.00 ? 25 A A H61    1 
ATOM 806  H H62    . A A 1 25 ? 11.366  3.797   -8.521  1.00 0.00 ? 25 A A H62    1 
ATOM 807  H H2     . A A 1 25 ? 8.135   0.166   -6.556  1.00 0.00 ? 25 A A H2     1 
ATOM 808  P P      . A A 1 26 ? 11.779  -6.123  -7.202  1.00 0.00 ? 26 A A P      1 
ATOM 809  O OP1    . A A 1 26 ? 12.325  -7.369  -6.618  1.00 0.00 ? 26 A A OP1    1 
ATOM 810  O OP2    . A A 1 26 ? 11.590  -6.017  -8.668  1.00 0.00 ? 26 A A OP2    1 
ATOM 811  O "O5'"  . A A 1 26 ? 10.371  -5.809  -6.487  1.00 0.00 ? 26 A A "O5'"  1 
ATOM 812  C "C5'"  . A A 1 26 ? 9.166   -6.439  -6.939  1.00 0.00 ? 26 A A "C5'"  1 
ATOM 813  C "C4'"  . A A 1 26 ? 7.972   -5.493  -6.860  1.00 0.00 ? 26 A A "C4'"  1 
ATOM 814  O "O4'"  . A A 1 26 ? 8.233   -4.336  -7.669  1.00 0.00 ? 26 A A "O4'"  1 
ATOM 815  C "C3'"  . A A 1 26 ? 6.675   -6.071  -7.416  1.00 0.00 ? 26 A A "C3'"  1 
ATOM 816  O "O3'"  . A A 1 26 ? 5.594   -5.343  -6.818  1.00 0.00 ? 26 A A "O3'"  1 
ATOM 817  C "C2'"  . A A 1 26 ? 6.729   -5.680  -8.885  1.00 0.00 ? 26 A A "C2'"  1 
ATOM 818  O "O2'"  . A A 1 26 ? 5.413   -5.622  -9.448  1.00 0.00 ? 26 A A "O2'"  1 
ATOM 819  C "C1'"  . A A 1 26 ? 7.346   -4.288  -8.796  1.00 0.00 ? 26 A A "C1'"  1 
ATOM 820  N N9     . A A 1 26 ? 8.129   -3.948  -9.997  1.00 0.00 ? 26 A A N9     1 
ATOM 821  C C8     . A A 1 26 ? 9.382   -4.378  -10.350 1.00 0.00 ? 26 A A C8     1 
ATOM 822  N N7     . A A 1 26 ? 9.802   -3.895  -11.487 1.00 0.00 ? 26 A A N7     1 
ATOM 823  C C5     . A A 1 26 ? 8.750   -3.088  -11.911 1.00 0.00 ? 26 A A C5     1 
ATOM 824  C C6     . A A 1 26 ? 8.562   -2.289  -13.051 1.00 0.00 ? 26 A A C6     1 
ATOM 825  N N6     . A A 1 26 ? 9.466   -2.161  -14.018 1.00 0.00 ? 26 A A N6     1 
ATOM 826  N N1     . A A 1 26 ? 7.406   -1.621  -13.163 1.00 0.00 ? 26 A A N1     1 
ATOM 827  C C2     . A A 1 26 ? 6.496   -1.741  -12.203 1.00 0.00 ? 26 A A C2     1 
ATOM 828  N N3     . A A 1 26 ? 6.549   -2.455  -11.089 1.00 0.00 ? 26 A A N3     1 
ATOM 829  C C4     . A A 1 26 ? 7.725   -3.113  -11.010 1.00 0.00 ? 26 A A C4     1 
ATOM 830  H "H5'"  . A A 1 26 ? 8.968   -7.313  -6.319  1.00 0.00 ? 26 A A "H5'"  1 
ATOM 831  H "H5''" . A A 1 26 ? 9.298   -6.757  -7.974  1.00 0.00 ? 26 A A "H5''" 1 
ATOM 832  H "H4'"  . A A 1 26 ? 7.837   -5.179  -5.826  1.00 0.00 ? 26 A A "H4'"  1 
ATOM 833  H "H3'"  . A A 1 26 ? 6.577   -7.144  -7.254  1.00 0.00 ? 26 A A "H3'"  1 
ATOM 834  H "H2'"  . A A 1 26 ? 7.374   -6.356  -9.445  1.00 0.00 ? 26 A A "H2'"  1 
ATOM 835  H "HO2'" . A A 1 26 ? 5.486   -5.187  -10.301 1.00 0.00 ? 26 A A "HO2'" 1 
ATOM 836  H "H1'"  . A A 1 26 ? 6.581   -3.528  -8.628  1.00 0.00 ? 26 A A "H1'"  1 
ATOM 837  H H8     . A A 1 26 ? 9.972   -5.061  -9.738  1.00 0.00 ? 26 A A H8     1 
ATOM 838  H H61    . A A 1 26 ? 9.271   -1.573  -14.815 1.00 0.00 ? 26 A A H61    1 
ATOM 839  H H62    . A A 1 26 ? 10.345  -2.654  -13.955 1.00 0.00 ? 26 A A H62    1 
ATOM 840  H H2     . A A 1 26 ? 5.577   -1.173  -12.353 1.00 0.00 ? 26 A A H2     1 
ATOM 841  P P      . A A 1 27 ? 4.364   -6.121  -6.129  1.00 0.00 ? 27 A A P      1 
ATOM 842  O OP1    . A A 1 27 ? 3.225   -5.180  -6.020  1.00 0.00 ? 27 A A OP1    1 
ATOM 843  O OP2    . A A 1 27 ? 4.868   -6.807  -4.919  1.00 0.00 ? 27 A A OP2    1 
ATOM 844  O "O5'"  . A A 1 27 ? 3.987   -7.242  -7.224  1.00 0.00 ? 27 A A "O5'"  1 
ATOM 845  C "C5'"  . A A 1 27 ? 2.716   -7.909  -7.191  1.00 0.00 ? 27 A A "C5'"  1 
ATOM 846  C "C4'"  . A A 1 27 ? 2.873   -9.430  -7.183  1.00 0.00 ? 27 A A "C4'"  1 
ATOM 847  O "O4'"  . A A 1 27 ? 3.578   -9.839  -8.369  1.00 0.00 ? 27 A A "O4'"  1 
ATOM 848  C "C3'"  . A A 1 27 ? 3.695   -9.985  -6.014  1.00 0.00 ? 27 A A "C3'"  1 
ATOM 849  O "O3'"  . A A 1 27 ? 3.134   -11.262 -5.668  1.00 0.00 ? 27 A A "O3'"  1 
ATOM 850  C "C2'"  . A A 1 27 ? 5.064   -10.248 -6.628  1.00 0.00 ? 27 A A "C2'"  1 
ATOM 851  O "O2'"  . A A 1 27 ? 5.748   -11.290 -5.924  1.00 0.00 ? 27 A A "O2'"  1 
ATOM 852  C "C1'"  . A A 1 27 ? 4.658   -10.706 -8.020  1.00 0.00 ? 27 A A "C1'"  1 
ATOM 853  N N9     . A A 1 27 ? 5.737   -10.553 -9.017  1.00 0.00 ? 27 A A N9     1 
ATOM 854  C C8     . A A 1 27 ? 6.520   -9.456  -9.276  1.00 0.00 ? 27 A A C8     1 
ATOM 855  N N7     . A A 1 27 ? 7.387   -9.645  -10.233 1.00 0.00 ? 27 A A N7     1 
ATOM 856  C C5     . A A 1 27 ? 7.159   -10.958 -10.632 1.00 0.00 ? 27 A A C5     1 
ATOM 857  C C6     . A A 1 27 ? 7.750   -11.770 -11.612 1.00 0.00 ? 27 A A C6     1 
ATOM 858  N N6     . A A 1 27 ? 8.738   -11.368 -12.408 1.00 0.00 ? 27 A A N6     1 
ATOM 859  N N1     . A A 1 27 ? 7.288   -13.023 -11.750 1.00 0.00 ? 27 A A N1     1 
ATOM 860  C C2     . A A 1 27 ? 6.303   -13.436 -10.962 1.00 0.00 ? 27 A A C2     1 
ATOM 861  N N3     . A A 1 27 ? 5.665   -12.775 -10.008 1.00 0.00 ? 27 A A N3     1 
ATOM 862  C C4     . A A 1 27 ? 6.155   -11.521 -9.898  1.00 0.00 ? 27 A A C4     1 
ATOM 863  H "H5'"  . A A 1 27 ? 2.140   -7.617  -8.068  1.00 0.00 ? 27 A A "H5'"  1 
ATOM 864  H "H5''" . A A 1 27 ? 2.177   -7.606  -6.293  1.00 0.00 ? 27 A A "H5''" 1 
ATOM 865  H "H4'"  . A A 1 27 ? 1.880   -9.881  -7.195  1.00 0.00 ? 27 A A "H4'"  1 
ATOM 866  H "H3'"  . A A 1 27 ? 3.729   -9.317  -5.154  1.00 0.00 ? 27 A A "H3'"  1 
ATOM 867  H "H2'"  . A A 1 27 ? 5.656   -9.334  -6.670  1.00 0.00 ? 27 A A "H2'"  1 
ATOM 868  H "HO2'" . A A 1 27 ? 5.083   -11.930 -5.653  1.00 0.00 ? 27 A A "HO2'" 1 
ATOM 869  H "H1'"  . A A 1 27 ? 4.310   -11.739 -8.010  1.00 0.00 ? 27 A A "H1'"  1 
ATOM 870  H H8     . A A 1 27 ? 6.429   -8.516  -8.734  1.00 0.00 ? 27 A A H8     1 
ATOM 871  H H61    . A A 1 27 ? 9.122   -12.001 -13.092 1.00 0.00 ? 27 A A H61    1 
ATOM 872  H H62    . A A 1 27 ? 9.101   -10.430 -12.323 1.00 0.00 ? 27 A A H62    1 
ATOM 873  H H2     . A A 1 27 ? 5.973   -14.462 -11.124 1.00 0.00 ? 27 A A H2     1 
ATOM 874  P P      . G A 1 28 ? 1.814   -11.364 -4.746  1.00 0.00 ? 28 G A P      1 
ATOM 875  O OP1    . G A 1 28 ? 0.629   -11.225 -5.621  1.00 0.00 ? 28 G A OP1    1 
ATOM 876  O OP2    . G A 1 28 ? 1.982   -10.453 -3.592  1.00 0.00 ? 28 G A OP2    1 
ATOM 877  O "O5'"  . G A 1 28 ? 1.870   -12.886 -4.213  1.00 0.00 ? 28 G A "O5'"  1 
ATOM 878  C "C5'"  . G A 1 28 ? 3.050   -13.407 -3.584  1.00 0.00 ? 28 G A "C5'"  1 
ATOM 879  C "C4'"  . G A 1 28 ? 2.896   -13.503 -2.067  1.00 0.00 ? 28 G A "C4'"  1 
ATOM 880  O "O4'"  . G A 1 28 ? 2.514   -12.236 -1.543  1.00 0.00 ? 28 G A "O4'"  1 
ATOM 881  C "C3'"  . G A 1 28 ? 1.782   -14.408 -1.581  1.00 0.00 ? 28 G A "C3'"  1 
ATOM 882  O "O3'"  . G A 1 28 ? 2.314   -15.741 -1.504  1.00 0.00 ? 28 G A "O3'"  1 
ATOM 883  C "C2'"  . G A 1 28 ? 1.555   -13.914 -0.153  1.00 0.00 ? 28 G A "C2'"  1 
ATOM 884  O "O2'"  . G A 1 28 ? 2.450   -14.560 0.759   1.00 0.00 ? 28 G A "O2'"  1 
ATOM 885  C "C1'"  . G A 1 28 ? 1.892   -12.417 -0.259  1.00 0.00 ? 28 G A "C1'"  1 
ATOM 886  N N9     . G A 1 28 ? 0.689   -11.565 -0.185  1.00 0.00 ? 28 G A N9     1 
ATOM 887  C C8     . G A 1 28 ? 0.136   -10.772 -1.159  1.00 0.00 ? 28 G A C8     1 
ATOM 888  N N7     . G A 1 28 ? -0.935  -10.135 -0.770  1.00 0.00 ? 28 G A N7     1 
ATOM 889  C C5     . G A 1 28 ? -1.101  -10.536 0.553   1.00 0.00 ? 28 G A C5     1 
ATOM 890  C C6     . G A 1 28 ? -2.098  -10.175 1.502   1.00 0.00 ? 28 G A C6     1 
ATOM 891  O O6     . G A 1 28 ? -3.055  -9.417  1.358   1.00 0.00 ? 28 G A O6     1 
ATOM 892  N N1     . G A 1 28 ? -1.896  -10.802 2.715   1.00 0.00 ? 28 G A N1     1 
ATOM 893  C C2     . G A 1 28 ? -0.872  -11.670 2.992   1.00 0.00 ? 28 G A C2     1 
ATOM 894  N N2     . G A 1 28 ? -0.829  -12.181 4.212   1.00 0.00 ? 28 G A N2     1 
ATOM 895  N N3     . G A 1 28 ? 0.067   -12.019 2.117   1.00 0.00 ? 28 G A N3     1 
ATOM 896  C C4     . G A 1 28 ? -0.110  -11.413 0.920   1.00 0.00 ? 28 G A C4     1 
ATOM 897  H "H5'"  . G A 1 28 ? 3.893   -12.753 -3.812  1.00 0.00 ? 28 G A "H5'"  1 
ATOM 898  H "H5''" . G A 1 28 ? 3.254   -14.401 -3.983  1.00 0.00 ? 28 G A "H5''" 1 
ATOM 899  H "H4'"  . G A 1 28 ? 3.850   -13.799 -1.631  1.00 0.00 ? 28 G A "H4'"  1 
ATOM 900  H "H3'"  . G A 1 28 ? 0.886   -14.360 -2.201  1.00 0.00 ? 28 G A "H3'"  1 
ATOM 901  H "H2'"  . G A 1 28 ? 0.519   -14.056 0.149   1.00 0.00 ? 28 G A "H2'"  1 
ATOM 902  H "HO2'" . G A 1 28 ? 1.962   -15.274 1.178   1.00 0.00 ? 28 G A "HO2'" 1 
ATOM 903  H "H1'"  . G A 1 28 ? 2.592   -12.121 0.523   1.00 0.00 ? 28 G A "H1'"  1 
ATOM 904  H H8     . G A 1 28 ? 0.552   -10.680 -2.161  1.00 0.00 ? 28 G A H8     1 
ATOM 905  H H1     . G A 1 28 ? -2.555  -10.599 3.449   1.00 0.00 ? 28 G A H1     1 
ATOM 906  H H21    . G A 1 28 ? -1.522  -11.912 4.896   1.00 0.00 ? 28 G A H21    1 
ATOM 907  H H22    . G A 1 28 ? -0.103  -12.838 4.456   1.00 0.00 ? 28 G A H22    1 
ATOM 908  P P      . C A 1 29 ? 1.339   -17.007 -1.289  1.00 0.00 ? 29 C A P      1 
ATOM 909  O OP1    . C A 1 29 ? 2.125   -18.243 -1.512  1.00 0.00 ? 29 C A OP1    1 
ATOM 910  O OP2    . C A 1 29 ? 0.097   -16.776 -2.061  1.00 0.00 ? 29 C A OP2    1 
ATOM 911  O "O5'"  . C A 1 29 ? 0.973   -16.915 0.280   1.00 0.00 ? 29 C A "O5'"  1 
ATOM 912  C "C5'"  . C A 1 29 ? 1.862   -17.444 1.275   1.00 0.00 ? 29 C A "C5'"  1 
ATOM 913  C "C4'"  . C A 1 29 ? 1.244   -17.390 2.670   1.00 0.00 ? 29 C A "C4'"  1 
ATOM 914  O "O4'"  . C A 1 29 ? 0.904   -16.037 2.994   1.00 0.00 ? 29 C A "O4'"  1 
ATOM 915  C "C3'"  . C A 1 29 ? -0.074  -18.125 2.815   1.00 0.00 ? 29 C A "C3'"  1 
ATOM 916  O "O3'"  . C A 1 29 ? 0.223   -19.488 3.147   1.00 0.00 ? 29 C A "O3'"  1 
ATOM 917  C "C2'"  . C A 1 29 ? -0.662  -17.468 4.052   1.00 0.00 ? 29 C A "C2'"  1 
ATOM 918  O "O2'"  . C A 1 29 ? -0.032  -17.963 5.239   1.00 0.00 ? 29 C A "O2'"  1 
ATOM 919  C "C1'"  . C A 1 29 ? -0.284  -16.003 3.812   1.00 0.00 ? 29 C A "C1'"  1 
ATOM 920  N N1     . C A 1 29 ? -1.340  -15.255 3.097   1.00 0.00 ? 29 C A N1     1 
ATOM 921  C C2     . C A 1 29 ? -2.335  -14.656 3.857   1.00 0.00 ? 29 C A C2     1 
ATOM 922  O O2     . C A 1 29 ? -2.329  -14.758 5.080   1.00 0.00 ? 29 C A O2     1 
ATOM 923  N N3     . C A 1 29 ? -3.313  -13.954 3.221   1.00 0.00 ? 29 C A N3     1 
ATOM 924  C C4     . C A 1 29 ? -3.313  -13.843 1.889   1.00 0.00 ? 29 C A C4     1 
ATOM 925  N N4     . C A 1 29 ? -4.291  -13.140 1.327   1.00 0.00 ? 29 C A N4     1 
ATOM 926  C C5     . C A 1 29 ? -2.293  -14.457 1.097   1.00 0.00 ? 29 C A C5     1 
ATOM 927  C C6     . C A 1 29 ? -1.332  -15.148 1.737   1.00 0.00 ? 29 C A C6     1 
ATOM 928  H "H5'"  . C A 1 29 ? 2.784   -16.863 1.272   1.00 0.00 ? 29 C A "H5'"  1 
ATOM 929  H "H5''" . C A 1 29 ? 2.094   -18.480 1.031   1.00 0.00 ? 29 C A "H5''" 1 
ATOM 930  H "H4'"  . C A 1 29 ? 1.970   -17.760 3.394   1.00 0.00 ? 29 C A "H4'"  1 
ATOM 931  H "H3'"  . C A 1 29 ? -0.716  -18.045 1.936   1.00 0.00 ? 29 C A "H3'"  1 
ATOM 932  H "H2'"  . C A 1 29 ? -1.743  -17.595 4.096   1.00 0.00 ? 29 C A "H2'"  1 
ATOM 933  H "HO2'" . C A 1 29 ? 0.024   -18.919 5.153   1.00 0.00 ? 29 C A "HO2'" 1 
ATOM 934  H "H1'"  . C A 1 29 ? -0.059  -15.501 4.754   1.00 0.00 ? 29 C A "H1'"  1 
ATOM 935  H H41    . C A 1 29 ? -4.991  -12.694 1.907   1.00 0.00 ? 29 C A H41    1 
ATOM 936  H H42    . C A 1 29 ? -4.337  -13.050 0.321   1.00 0.00 ? 29 C A H42    1 
ATOM 937  H H5     . C A 1 29 ? -2.284  -14.372 0.010   1.00 0.00 ? 29 C A H5     1 
ATOM 938  H H6     . C A 1 29 ? -0.540  -15.631 1.162   1.00 0.00 ? 29 C A H6     1 
ATOM 939  P P      . C A 1 30 ? -0.846  -20.656 2.851   1.00 0.00 ? 30 C A P      1 
ATOM 940  O OP1    . C A 1 30 ? -0.262  -21.943 3.292   1.00 0.00 ? 30 C A OP1    1 
ATOM 941  O OP2    . C A 1 30 ? -1.329  -20.501 1.460   1.00 0.00 ? 30 C A OP2    1 
ATOM 942  O "O5'"  . C A 1 30 ? -2.057  -20.280 3.844   1.00 0.00 ? 30 C A "O5'"  1 
ATOM 943  C "C5'"  . C A 1 30 ? -2.065  -20.732 5.205   1.00 0.00 ? 30 C A "C5'"  1 
ATOM 944  C "C4'"  . C A 1 30 ? -3.456  -20.629 5.819   1.00 0.00 ? 30 C A "C4'"  1 
ATOM 945  O "O4'"  . C A 1 30 ? -3.847  -19.252 5.890   1.00 0.00 ? 30 C A "O4'"  1 
ATOM 946  C "C3'"  . C A 1 30 ? -4.558  -21.275 4.999   1.00 0.00 ? 30 C A "C3'"  1 
ATOM 947  O "O3'"  . C A 1 30 ? -4.653  -22.643 5.420   1.00 0.00 ? 30 C A "O3'"  1 
ATOM 948  C "C2'"  . C A 1 30 ? -5.796  -20.546 5.494   1.00 0.00 ? 30 C A "C2'"  1 
ATOM 949  O "O2'"  . C A 1 30 ? -6.229  -21.069 6.754   1.00 0.00 ? 30 C A "O2'"  1 
ATOM 950  C "C1'"  . C A 1 30 ? -5.263  -19.119 5.657   1.00 0.00 ? 30 C A "C1'"  1 
ATOM 951  N N1     . C A 1 30 ? -5.467  -18.288 4.448   1.00 0.00 ? 30 C A N1     1 
ATOM 952  C C2     . C A 1 30 ? -6.639  -17.550 4.364   1.00 0.00 ? 30 C A C2     1 
ATOM 953  O O2     . C A 1 30 ? -7.478  -17.612 5.258   1.00 0.00 ? 30 C A O2     1 
ATOM 954  N N3     . C A 1 30 ? -6.840  -16.762 3.274   1.00 0.00 ? 30 C A N3     1 
ATOM 955  C C4     . C A 1 30 ? -5.926  -16.699 2.301   1.00 0.00 ? 30 C A C4     1 
ATOM 956  N N4     . C A 1 30 ? -6.182  -15.909 1.263   1.00 0.00 ? 30 C A N4     1 
ATOM 957  C C5     . C A 1 30 ? -4.716  -17.458 2.376   1.00 0.00 ? 30 C A C5     1 
ATOM 958  C C6     . C A 1 30 ? -4.527  -18.234 3.460   1.00 0.00 ? 30 C A C6     1 
ATOM 959  H "H5'"  . C A 1 30 ? -1.372  -20.127 5.789   1.00 0.00 ? 30 C A "H5'"  1 
ATOM 960  H "H5''" . C A 1 30 ? -1.741  -21.773 5.234   1.00 0.00 ? 30 C A "H5''" 1 
ATOM 961  H "H4'"  . C A 1 30 ? -3.433  -21.046 6.826   1.00 0.00 ? 30 C A "H4'"  1 
ATOM 962  H "H3'"  . C A 1 30 ? -4.405  -21.186 3.923   1.00 0.00 ? 30 C A "H3'"  1 
ATOM 963  H "H2'"  . C A 1 30 ? -6.597  -20.584 4.759   1.00 0.00 ? 30 C A "H2'"  1 
ATOM 964  H "HO2'" . C A 1 30 ? -7.010  -21.605 6.587   1.00 0.00 ? 30 C A "HO2'" 1 
ATOM 965  H "H1'"  . C A 1 30 ? -5.724  -18.630 6.513   1.00 0.00 ? 30 C A "H1'"  1 
ATOM 966  H H41    . C A 1 30 ? -7.014  -15.330 1.262   1.00 0.00 ? 30 C A H41    1 
ATOM 967  H H42    . C A 1 30 ? -5.550  -15.886 0.476   1.00 0.00 ? 30 C A H42    1 
ATOM 968  H H5     . C A 1 30 ? -3.965  -17.418 1.586   1.00 0.00 ? 30 C A H5     1 
ATOM 969  H H6     . C A 1 30 ? -3.613  -18.822 3.550   1.00 0.00 ? 30 C A H6     1 
ATOM 970  P P      . C A 1 31 ? -5.304  -23.759 4.458   1.00 0.00 ? 31 C A P      1 
ATOM 971  O OP1    . C A 1 31 ? -5.023  -25.093 5.035   1.00 0.00 ? 31 C A OP1    1 
ATOM 972  O OP2    . C A 1 31 ? -4.907  -23.457 3.063   1.00 0.00 ? 31 C A OP2    1 
ATOM 973  O "O5'"  . C A 1 31 ? -6.882  -23.466 4.602   1.00 0.00 ? 31 C A "O5'"  1 
ATOM 974  C "C5'"  . C A 1 31 ? -7.600  -23.865 5.776   1.00 0.00 ? 31 C A "C5'"  1 
ATOM 975  C "C4'"  . C A 1 31 ? -9.026  -23.325 5.768   1.00 0.00 ? 31 C A "C4'"  1 
ATOM 976  O "O4'"  . C A 1 31 ? -8.991  -21.893 5.735   1.00 0.00 ? 31 C A "O4'"  1 
ATOM 977  C "C3'"  . C A 1 31 ? -9.837  -23.698 4.539   1.00 0.00 ? 31 C A "C3'"  1 
ATOM 978  O "O3'"  . C A 1 31 ? -10.497 -24.938 4.828   1.00 0.00 ? 31 C A "O3'"  1 
ATOM 979  C "C2'"  . C A 1 31 ? -10.895 -22.605 4.516   1.00 0.00 ? 31 C A "C2'"  1 
ATOM 980  O "O2'"  . C A 1 31 ? -11.917 -22.871 5.483   1.00 0.00 ? 31 C A "O2'"  1 
ATOM 981  C "C1'"  . C A 1 31 ? -10.067 -21.382 4.926   1.00 0.00 ? 31 C A "C1'"  1 
ATOM 982  N N1     . C A 1 31 ? -9.489  -20.667 3.766   1.00 0.00 ? 31 C A N1     1 
ATOM 983  C C2     . C A 1 31 ? -10.125 -19.511 3.337   1.00 0.00 ? 31 C A C2     1 
ATOM 984  O O2     . C A 1 31 ? -11.134 -19.105 3.909   1.00 0.00 ? 31 C A O2     1 
ATOM 985  N N3     . C A 1 31 ? -9.609  -18.839 2.272   1.00 0.00 ? 31 C A N3     1 
ATOM 986  C C4     . C A 1 31 ? -8.513  -19.282 1.652   1.00 0.00 ? 31 C A C4     1 
ATOM 987  N N4     . C A 1 31 ? -8.067  -18.581 0.614   1.00 0.00 ? 31 C A N4     1 
ATOM 988  C C5     . C A 1 31 ? -7.849  -20.470 2.087   1.00 0.00 ? 31 C A C5     1 
ATOM 989  C C6     . C A 1 31 ? -8.366  -21.127 3.141   1.00 0.00 ? 31 C A C6     1 
ATOM 990  H "H5'"  . C A 1 31 ? -7.082  -23.488 6.658   1.00 0.00 ? 31 C A "H5'"  1 
ATOM 991  H "H5''" . C A 1 31 ? -7.632  -24.954 5.820   1.00 0.00 ? 31 C A "H5''" 1 
ATOM 992  H "H4'"  . C A 1 31 ? -9.536  -23.649 6.677   1.00 0.00 ? 31 C A "H4'"  1 
ATOM 993  H "H3'"  . C A 1 31 ? -9.245  -23.747 3.625   1.00 0.00 ? 31 C A "H3'"  1 
ATOM 994  H "H2'"  . C A 1 31 ? -11.316 -22.482 3.520   1.00 0.00 ? 31 C A "H2'"  1 
ATOM 995  H "HO2'" . C A 1 31 ? -12.056 -23.821 5.493   1.00 0.00 ? 31 C A "HO2'" 1 
ATOM 996  H "H1'"  . C A 1 31 ? -10.665 -20.688 5.519   1.00 0.00 ? 31 C A "H1'"  1 
ATOM 997  H H41    . C A 1 31 ? -8.541  -17.729 0.339   1.00 0.00 ? 31 C A H41    1 
ATOM 998  H H42    . C A 1 31 ? -7.259  -18.898 0.099   1.00 0.00 ? 31 C A H42    1 
ATOM 999  H H5     . C A 1 31 ? -6.955  -20.841 1.586   1.00 0.00 ? 31 C A H5     1 
ATOM 1000 H H6     . C A 1 31 ? -7.877  -22.032 3.505   1.00 0.00 ? 31 C A H6     1 
ATOM 1001 P P      . G A 1 32 ? -10.472 -26.157 3.774   1.00 0.00 ? 32 G A P      1 
ATOM 1002 O OP1    . G A 1 32 ? -11.060 -27.345 4.429   1.00 0.00 ? 32 G A OP1    1 
ATOM 1003 O OP2    . G A 1 32 ? -9.113  -26.234 3.189   1.00 0.00 ? 32 G A OP2    1 
ATOM 1004 O "O5'"  . G A 1 32 ? -11.485 -25.666 2.620   1.00 0.00 ? 32 G A "O5'"  1 
ATOM 1005 C "C5'"  . G A 1 32 ? -11.931 -26.580 1.608   1.00 0.00 ? 32 G A "C5'"  1 
ATOM 1006 C "C4'"  . G A 1 32 ? -11.678 -26.044 0.199   1.00 0.00 ? 32 G A "C4'"  1 
ATOM 1007 O "O4'"  . G A 1 32 ? -12.441 -24.841 0.006   1.00 0.00 ? 32 G A "O4'"  1 
ATOM 1008 C "C3'"  . G A 1 32 ? -10.231 -25.638 -0.088  1.00 0.00 ? 32 G A "C3'"  1 
ATOM 1009 O "O3'"  . G A 1 32 ? -9.958  -25.722 -1.491  1.00 0.00 ? 32 G A "O3'"  1 
ATOM 1010 C "C2'"  . G A 1 32 ? -10.236 -24.187 0.369   1.00 0.00 ? 32 G A "C2'"  1 
ATOM 1011 O "O2'"  . G A 1 32 ? -9.139  -23.463 -0.201  1.00 0.00 ? 32 G A "O2'"  1 
ATOM 1012 C "C1'"  . G A 1 32 ? -11.564 -23.730 -0.219  1.00 0.00 ? 32 G A "C1'"  1 
ATOM 1013 N N9     . G A 1 32 ? -12.120 -22.536 0.450   1.00 0.00 ? 32 G A N9     1 
ATOM 1014 C C8     . G A 1 32 ? -11.457 -21.537 1.117   1.00 0.00 ? 32 G A C8     1 
ATOM 1015 N N7     . G A 1 32 ? -12.243 -20.606 1.583   1.00 0.00 ? 32 G A N7     1 
ATOM 1016 C C5     . G A 1 32 ? -13.515 -21.018 1.197   1.00 0.00 ? 32 G A C5     1 
ATOM 1017 C C6     . G A 1 32 ? -14.783 -20.411 1.418   1.00 0.00 ? 32 G A C6     1 
ATOM 1018 O O6     . G A 1 32 ? -15.042 -19.370 2.013   1.00 0.00 ? 32 G A O6     1 
ATOM 1019 N N1     . G A 1 32 ? -15.807 -21.153 0.864   1.00 0.00 ? 32 G A N1     1 
ATOM 1020 C C2     . G A 1 32 ? -15.645 -22.331 0.182   1.00 0.00 ? 32 G A C2     1 
ATOM 1021 N N2     . G A 1 32 ? -16.739 -22.913 -0.284  1.00 0.00 ? 32 G A N2     1 
ATOM 1022 N N3     . G A 1 32 ? -14.470 -22.912 -0.034  1.00 0.00 ? 32 G A N3     1 
ATOM 1023 C C4     . G A 1 32 ? -13.450 -22.200 0.501   1.00 0.00 ? 32 G A C4     1 
ATOM 1024 H "H5'"  . G A 1 32 ? -13.000 -26.755 1.735   1.00 0.00 ? 32 G A "H5'"  1 
ATOM 1025 H "H5''" . G A 1 32 ? -11.402 -27.527 1.725   1.00 0.00 ? 32 G A "H5''" 1 
ATOM 1026 H "H4'"  . G A 1 32 ? -12.012 -26.790 -0.522  1.00 0.00 ? 32 G A "H4'"  1 
ATOM 1027 H "H3'"  . G A 1 32 ? -9.527  -26.237 0.491   1.00 0.00 ? 32 G A "H3'"  1 
ATOM 1028 H "HO3'" . G A 1 32 ? -10.764 -25.471 -1.953  1.00 0.00 ? 32 G A "HO3'" 1 
ATOM 1029 H "H2'"  . G A 1 32 ? -10.241 -24.118 1.457   1.00 0.00 ? 32 G A "H2'"  1 
ATOM 1030 H "HO2'" . G A 1 32 ? -8.896  -23.913 -1.018  1.00 0.00 ? 32 G A "HO2'" 1 
ATOM 1031 H "H1'"  . G A 1 32 ? -11.478 -23.543 -1.289  1.00 0.00 ? 32 G A "H1'"  1 
ATOM 1032 H H8     . G A 1 32 ? -10.374 -21.520 1.241   1.00 0.00 ? 32 G A H8     1 
ATOM 1033 H H1     . G A 1 32 ? -16.740 -20.796 0.975   1.00 0.00 ? 32 G A H1     1 
ATOM 1034 H H21    . G A 1 32 ? -17.640 -22.492 -0.131  1.00 0.00 ? 32 G A H21    1 
ATOM 1035 H H22    . G A 1 32 ? -16.665 -23.782 -0.796  1.00 0.00 ? 32 G A H22    1 
# 
